data_8PA1
#
_entry.id   8PA1
#
_cell.length_a   71.538
_cell.length_b   95.455
_cell.length_c   79.016
_cell.angle_alpha   90.00
_cell.angle_beta   108.06
_cell.angle_gamma   90.00
#
_symmetry.space_group_name_H-M   'P 1 21 1'
#
loop_
_entity.id
_entity.type
_entity.pdbx_description
1 polymer 'Oxidoreductase, short-chain dehydrogenase/reductase family'
2 non-polymer 'SULFATE ION'
3 non-polymer GLYCEROL
4 water water
#
_entity_poly.entity_id   1
_entity_poly.type   'polypeptide(L)'
_entity_poly.pdbx_seq_one_letter_code
;MGHHHHHHMGLFAGKGVLVTGGARGIGRAIAQAFAREGALVALCDLRPEGKEVAEAIGGAFFQVDLEDERERVRFVEEAA
YALGRVDVLVNNAAIAAPGSALTVRLPEWRRVLEVNLTAPMHLSALAAREMRKPGPGAIVNVASYLGLFAEQENAAYNAS
KGGLVNLTRSLALDLAPLRIRVNAVAPGFIATEALLELIALSPDPERTRRDMEDLHALRRLGKPEEVAEAVLFLASEKAS
FITGAILPVDGGLTASFMMAGRPV
;
_entity_poly.pdbx_strand_id   A,B,C,D
#
loop_
_chem_comp.id
_chem_comp.type
_chem_comp.name
_chem_comp.formula
GOL non-polymer GLYCEROL 'C3 H8 O3'
SO4 non-polymer 'SULFATE ION' 'O4 S -2'
#
# COMPACT_ATOMS: atom_id res chain seq x y z
N MET A 9 25.61 -0.49 -31.41
CA MET A 9 25.57 0.05 -30.03
C MET A 9 24.12 0.02 -29.51
N GLY A 10 23.72 0.97 -28.62
CA GLY A 10 22.48 0.94 -27.82
C GLY A 10 22.71 0.74 -26.31
N LEU A 11 21.63 0.69 -25.52
CA LEU A 11 21.65 0.79 -24.03
C LEU A 11 22.04 -0.54 -23.38
N PHE A 12 21.81 -1.67 -24.05
CA PHE A 12 22.08 -3.04 -23.55
C PHE A 12 23.07 -3.75 -24.49
N ALA A 13 23.95 -2.95 -25.08
CA ALA A 13 24.95 -3.39 -26.08
C ALA A 13 25.87 -4.44 -25.45
N GLY A 14 25.78 -5.69 -25.94
CA GLY A 14 26.70 -6.79 -25.58
C GLY A 14 26.29 -7.47 -24.29
N LYS A 15 25.12 -7.12 -23.75
CA LYS A 15 24.61 -7.67 -22.49
C LYS A 15 23.80 -8.92 -22.80
N GLY A 16 23.92 -9.93 -21.94
CA GLY A 16 23.12 -11.16 -22.00
C GLY A 16 21.84 -10.99 -21.22
N VAL A 17 20.69 -11.17 -21.89
CA VAL A 17 19.33 -10.96 -21.32
C VAL A 17 18.53 -12.25 -21.47
N LEU A 18 18.11 -12.85 -20.36
CA LEU A 18 17.17 -14.00 -20.35
C LEU A 18 15.74 -13.45 -20.20
N VAL A 19 14.80 -13.97 -21.00
CA VAL A 19 13.38 -13.56 -21.02
C VAL A 19 12.54 -14.83 -21.11
N THR A 20 11.65 -15.08 -20.14
CA THR A 20 10.74 -16.25 -20.12
C THR A 20 9.45 -15.83 -20.84
N GLY A 21 8.73 -16.78 -21.41
CA GLY A 21 7.47 -16.52 -22.14
C GLY A 21 7.66 -15.54 -23.29
N GLY A 22 8.76 -15.69 -24.03
CA GLY A 22 9.18 -14.74 -25.07
C GLY A 22 8.53 -14.93 -26.44
N ALA A 23 7.69 -15.93 -26.66
CA ALA A 23 7.12 -16.24 -27.99
C ALA A 23 6.10 -15.19 -28.42
N ARG A 24 5.19 -14.82 -27.52
CA ARG A 24 4.12 -13.84 -27.85
C ARG A 24 4.00 -12.81 -26.72
N GLY A 25 3.11 -11.84 -26.94
CA GLY A 25 2.66 -10.83 -25.97
C GLY A 25 3.78 -10.00 -25.42
N ILE A 26 3.75 -9.77 -24.11
CA ILE A 26 4.68 -8.86 -23.37
C ILE A 26 6.11 -9.43 -23.50
N GLY A 27 6.24 -10.75 -23.32
CA GLY A 27 7.53 -11.45 -23.47
C GLY A 27 8.20 -11.17 -24.81
N ARG A 28 7.46 -11.29 -25.91
CA ARG A 28 8.00 -11.02 -27.27
C ARG A 28 8.42 -9.56 -27.34
N ALA A 29 7.55 -8.66 -26.89
CA ALA A 29 7.80 -7.19 -26.93
C ALA A 29 9.06 -6.89 -26.13
N ILE A 30 9.27 -7.57 -25.00
CA ILE A 30 10.46 -7.37 -24.11
C ILE A 30 11.71 -7.85 -24.85
N ALA A 31 11.72 -9.11 -25.34
CA ALA A 31 12.83 -9.67 -26.17
C ALA A 31 13.15 -8.73 -27.34
N GLN A 32 12.13 -8.25 -28.06
CA GLN A 32 12.32 -7.29 -29.20
C GLN A 32 12.96 -5.99 -28.69
N ALA A 33 12.49 -5.45 -27.59
CA ALA A 33 12.96 -4.17 -27.04
C ALA A 33 14.44 -4.30 -26.68
N PHE A 34 14.83 -5.39 -26.03
CA PHE A 34 16.23 -5.59 -25.56
C PHE A 34 17.16 -5.72 -26.77
N ALA A 35 16.76 -6.53 -27.75
CA ALA A 35 17.50 -6.76 -29.01
C ALA A 35 17.70 -5.42 -29.70
N ARG A 36 16.63 -4.63 -29.85
CA ARG A 36 16.67 -3.27 -30.47
C ARG A 36 17.77 -2.43 -29.80
N GLU A 37 18.04 -2.62 -28.49
CA GLU A 37 19.08 -1.86 -27.74
C GLU A 37 20.39 -2.66 -27.67
N GLY A 38 20.54 -3.65 -28.55
CA GLY A 38 21.82 -4.35 -28.80
C GLY A 38 22.11 -5.42 -27.76
N ALA A 39 21.09 -6.04 -27.20
CA ALA A 39 21.25 -7.12 -26.20
C ALA A 39 21.42 -8.45 -26.94
N LEU A 40 22.21 -9.35 -26.39
CA LEU A 40 22.19 -10.80 -26.71
C LEU A 40 21.02 -11.39 -25.92
N VAL A 41 19.90 -11.67 -26.59
CA VAL A 41 18.65 -12.15 -25.93
C VAL A 41 18.58 -13.65 -26.06
N ALA A 42 18.49 -14.36 -24.94
CA ALA A 42 18.03 -15.76 -24.86
C ALA A 42 16.58 -15.75 -24.35
N LEU A 43 15.63 -16.25 -25.14
CA LEU A 43 14.22 -16.36 -24.73
C LEU A 43 13.80 -17.83 -24.74
N CYS A 44 12.96 -18.21 -23.77
CA CYS A 44 12.34 -19.54 -23.68
C CYS A 44 10.81 -19.38 -23.73
N ASP A 45 10.14 -20.48 -24.06
CA ASP A 45 8.67 -20.59 -24.19
C ASP A 45 8.37 -22.08 -24.39
N LEU A 46 7.15 -22.51 -24.10
CA LEU A 46 6.72 -23.87 -24.47
C LEU A 46 6.43 -23.88 -25.98
N ARG A 47 5.93 -22.78 -26.55
CA ARG A 47 5.49 -22.67 -27.96
C ARG A 47 6.70 -22.69 -28.88
N PRO A 48 6.70 -23.54 -29.94
CA PRO A 48 7.86 -23.69 -30.83
C PRO A 48 8.08 -22.45 -31.71
N GLU A 49 7.02 -21.66 -31.91
CA GLU A 49 7.07 -20.40 -32.69
C GLU A 49 8.07 -19.42 -32.05
N GLY A 50 8.46 -19.63 -30.81
CA GLY A 50 9.54 -18.86 -30.16
C GLY A 50 10.79 -18.82 -31.01
N LYS A 51 11.07 -19.90 -31.74
CA LYS A 51 12.21 -20.03 -32.71
C LYS A 51 12.24 -18.81 -33.64
N GLU A 52 11.08 -18.38 -34.16
CA GLU A 52 10.99 -17.37 -35.25
C GLU A 52 11.21 -15.98 -34.66
N VAL A 53 10.91 -15.81 -33.37
CA VAL A 53 11.11 -14.53 -32.65
C VAL A 53 12.60 -14.34 -32.43
N ALA A 54 13.32 -15.39 -32.03
CA ALA A 54 14.77 -15.37 -31.76
C ALA A 54 15.54 -15.15 -33.07
N GLU A 55 15.19 -15.92 -34.11
CA GLU A 55 15.76 -15.74 -35.47
C GLU A 55 15.64 -14.26 -35.84
N ALA A 56 14.41 -13.72 -35.81
CA ALA A 56 14.05 -12.34 -36.24
C ALA A 56 14.88 -11.27 -35.52
N ILE A 57 15.37 -11.49 -34.29
CA ILE A 57 16.07 -10.46 -33.47
C ILE A 57 17.54 -10.83 -33.29
N GLY A 58 17.96 -11.99 -33.78
CA GLY A 58 19.37 -12.42 -33.73
C GLY A 58 19.75 -12.91 -32.36
N GLY A 59 18.84 -13.67 -31.73
CA GLY A 59 19.01 -14.21 -30.37
C GLY A 59 18.76 -15.70 -30.34
N ALA A 60 18.84 -16.32 -29.17
CA ALA A 60 18.76 -17.77 -28.92
C ALA A 60 17.35 -18.13 -28.42
N PHE A 61 16.82 -19.28 -28.87
CA PHE A 61 15.54 -19.84 -28.41
C PHE A 61 15.80 -21.16 -27.69
N PHE A 62 14.99 -21.41 -26.66
CA PHE A 62 14.99 -22.66 -25.88
C PHE A 62 13.54 -23.00 -25.60
N GLN A 63 13.09 -24.18 -26.01
CA GLN A 63 11.78 -24.71 -25.64
C GLN A 63 11.89 -25.29 -24.23
N VAL A 64 11.25 -24.67 -23.25
CA VAL A 64 11.43 -24.98 -21.80
C VAL A 64 10.05 -25.08 -21.16
N ASP A 65 9.89 -26.04 -20.25
CA ASP A 65 8.71 -26.14 -19.34
C ASP A 65 9.19 -25.74 -17.94
N LEU A 66 8.85 -24.51 -17.54
CA LEU A 66 9.35 -23.85 -16.31
C LEU A 66 8.79 -24.55 -15.08
N GLU A 67 7.77 -25.39 -15.25
CA GLU A 67 7.20 -26.23 -14.16
C GLU A 67 8.26 -27.21 -13.64
N ASP A 68 9.26 -27.57 -14.47
CA ASP A 68 10.26 -28.64 -14.21
C ASP A 68 11.54 -27.99 -13.70
N GLU A 69 11.93 -28.24 -12.45
CA GLU A 69 13.16 -27.61 -11.87
C GLU A 69 14.41 -27.98 -12.68
N ARG A 70 14.48 -29.16 -13.29
CA ARG A 70 15.66 -29.57 -14.11
C ARG A 70 15.67 -28.75 -15.41
N GLU A 71 14.52 -28.58 -16.06
CA GLU A 71 14.40 -27.77 -17.30
C GLU A 71 14.80 -26.31 -17.02
N ARG A 72 14.72 -25.84 -15.77
CA ARG A 72 15.06 -24.43 -15.40
C ARG A 72 16.57 -24.30 -15.21
N VAL A 73 17.21 -25.24 -14.52
CA VAL A 73 18.70 -25.33 -14.41
C VAL A 73 19.28 -25.39 -15.84
N ARG A 74 18.71 -26.27 -16.68
CA ARG A 74 19.11 -26.47 -18.10
C ARG A 74 19.07 -25.11 -18.80
N PHE A 75 17.90 -24.46 -18.83
CA PHE A 75 17.68 -23.17 -19.56
C PHE A 75 18.78 -22.15 -19.22
N VAL A 76 19.15 -21.99 -17.96
CA VAL A 76 20.08 -20.91 -17.53
C VAL A 76 21.50 -21.26 -17.97
N GLU A 77 21.96 -22.49 -17.71
CA GLU A 77 23.29 -23.00 -18.13
C GLU A 77 23.47 -22.85 -19.65
N GLU A 78 22.52 -23.34 -20.44
CA GLU A 78 22.59 -23.31 -21.92
C GLU A 78 22.54 -21.85 -22.44
N ALA A 79 21.67 -21.01 -21.89
CA ALA A 79 21.57 -19.57 -22.22
C ALA A 79 22.89 -18.87 -21.89
N ALA A 80 23.43 -19.05 -20.68
CA ALA A 80 24.73 -18.47 -20.29
C ALA A 80 25.82 -18.89 -21.29
N TYR A 81 25.82 -20.16 -21.70
CA TYR A 81 26.76 -20.73 -22.70
C TYR A 81 26.56 -19.99 -24.03
N ALA A 82 25.35 -20.07 -24.58
CA ALA A 82 24.97 -19.42 -25.85
C ALA A 82 25.38 -17.93 -25.90
N LEU A 83 25.17 -17.15 -24.84
CA LEU A 83 25.35 -15.67 -24.86
C LEU A 83 26.76 -15.32 -24.36
N GLY A 84 27.39 -16.21 -23.60
CA GLY A 84 28.73 -15.98 -23.03
C GLY A 84 28.72 -15.18 -21.73
N ARG A 85 27.60 -14.52 -21.41
CA ARG A 85 27.40 -13.83 -20.12
C ARG A 85 25.89 -13.72 -19.82
N VAL A 86 25.56 -13.48 -18.54
CA VAL A 86 24.19 -13.11 -18.07
C VAL A 86 24.27 -11.82 -17.26
N ASP A 87 23.49 -10.81 -17.65
CA ASP A 87 23.42 -9.47 -17.01
C ASP A 87 22.00 -9.19 -16.49
N VAL A 88 20.96 -9.73 -17.16
CA VAL A 88 19.54 -9.38 -16.89
C VAL A 88 18.70 -10.65 -17.03
N LEU A 89 17.83 -10.89 -16.04
CA LEU A 89 16.73 -11.90 -16.17
C LEU A 89 15.39 -11.17 -16.07
N VAL A 90 14.47 -11.56 -16.94
CA VAL A 90 13.06 -11.11 -16.87
C VAL A 90 12.17 -12.32 -16.63
N ASN A 91 11.52 -12.38 -15.48
CA ASN A 91 10.51 -13.42 -15.17
C ASN A 91 9.17 -12.92 -15.70
N ASN A 92 8.82 -13.29 -16.93
CA ASN A 92 7.55 -12.84 -17.56
C ASN A 92 6.55 -13.98 -17.67
N ALA A 93 6.99 -15.22 -17.82
CA ALA A 93 6.08 -16.37 -18.07
C ALA A 93 5.18 -16.58 -16.88
N ALA A 94 3.89 -16.76 -17.09
CA ALA A 94 2.90 -17.03 -16.01
C ALA A 94 1.73 -17.82 -16.59
N ILE A 95 1.10 -18.67 -15.77
CA ILE A 95 -0.15 -19.42 -16.13
C ILE A 95 -1.24 -19.01 -15.14
N ALA A 96 -2.50 -19.31 -15.45
CA ALA A 96 -3.62 -19.23 -14.50
C ALA A 96 -4.35 -20.58 -14.47
N ALA A 97 -5.18 -20.79 -13.46
CA ALA A 97 -6.16 -21.89 -13.31
C ALA A 97 -7.47 -21.25 -12.85
N PRO A 98 -8.43 -21.00 -13.75
CA PRO A 98 -9.71 -20.41 -13.39
C PRO A 98 -10.37 -21.10 -12.20
N GLY A 99 -11.06 -20.31 -11.38
CA GLY A 99 -11.85 -20.76 -10.22
C GLY A 99 -11.47 -20.04 -8.95
N SER A 100 -12.48 -19.83 -8.09
CA SER A 100 -12.40 -19.48 -6.65
C SER A 100 -11.68 -20.60 -5.92
N ALA A 101 -11.48 -20.47 -4.61
CA ALA A 101 -10.91 -21.55 -3.77
C ALA A 101 -11.93 -22.71 -3.74
N LEU A 102 -13.22 -22.41 -3.89
CA LEU A 102 -14.32 -23.41 -3.92
C LEU A 102 -14.18 -24.36 -5.13
N THR A 103 -13.76 -23.84 -6.29
CA THR A 103 -13.95 -24.53 -7.59
C THR A 103 -12.61 -24.98 -8.17
N VAL A 104 -11.48 -24.41 -7.75
CA VAL A 104 -10.13 -24.74 -8.28
C VAL A 104 -9.72 -26.12 -7.74
N ARG A 105 -9.02 -26.91 -8.57
CA ARG A 105 -8.48 -28.22 -8.16
C ARG A 105 -7.07 -28.01 -7.58
N LEU A 106 -6.73 -28.69 -6.49
CA LEU A 106 -5.42 -28.56 -5.80
C LEU A 106 -4.25 -28.71 -6.78
N PRO A 107 -4.16 -29.78 -7.62
CA PRO A 107 -2.96 -29.92 -8.46
C PRO A 107 -2.81 -28.74 -9.44
N GLU A 108 -3.91 -28.18 -9.93
CA GLU A 108 -3.93 -26.96 -10.80
C GLU A 108 -3.35 -25.74 -10.05
N TRP A 109 -3.89 -25.48 -8.85
CA TRP A 109 -3.40 -24.46 -7.89
C TRP A 109 -1.87 -24.62 -7.70
N ARG A 110 -1.41 -25.83 -7.37
CA ARG A 110 0.02 -26.09 -7.06
C ARG A 110 0.89 -25.81 -8.29
N ARG A 111 0.37 -26.04 -9.50
CA ARG A 111 1.10 -25.88 -10.77
C ARG A 111 1.30 -24.38 -11.03
N VAL A 112 0.23 -23.61 -10.90
CA VAL A 112 0.25 -22.11 -11.01
C VAL A 112 1.28 -21.54 -10.02
N LEU A 113 1.36 -22.04 -8.78
CA LEU A 113 2.35 -21.53 -7.79
C LEU A 113 3.77 -21.85 -8.27
N GLU A 114 3.97 -23.03 -8.84
CA GLU A 114 5.30 -23.55 -9.26
C GLU A 114 5.86 -22.62 -10.35
N VAL A 115 5.02 -22.34 -11.36
CA VAL A 115 5.39 -21.53 -12.55
C VAL A 115 5.49 -20.05 -12.17
N ASN A 116 4.52 -19.53 -11.41
CA ASN A 116 4.34 -18.07 -11.22
C ASN A 116 5.21 -17.60 -10.07
N LEU A 117 5.52 -18.47 -9.10
CA LEU A 117 6.18 -18.03 -7.85
C LEU A 117 7.47 -18.82 -7.60
N THR A 118 7.44 -20.16 -7.64
CA THR A 118 8.65 -20.99 -7.39
C THR A 118 9.67 -20.80 -8.55
N ALA A 119 9.23 -20.85 -9.81
CA ALA A 119 10.12 -20.73 -10.99
C ALA A 119 10.86 -19.40 -10.97
N PRO A 120 10.19 -18.23 -10.77
CA PRO A 120 10.90 -16.96 -10.65
C PRO A 120 11.96 -16.91 -9.54
N MET A 121 11.68 -17.53 -8.39
CA MET A 121 12.63 -17.63 -7.26
C MET A 121 13.83 -18.45 -7.72
N HIS A 122 13.56 -19.65 -8.26
CA HIS A 122 14.59 -20.60 -8.71
C HIS A 122 15.50 -19.89 -9.72
N LEU A 123 14.91 -19.40 -10.81
CA LEU A 123 15.59 -18.74 -11.95
C LEU A 123 16.42 -17.55 -11.47
N SER A 124 15.94 -16.80 -10.47
CA SER A 124 16.63 -15.60 -9.95
C SER A 124 17.93 -16.04 -9.26
N ALA A 125 17.86 -17.11 -8.46
CA ALA A 125 19.02 -17.80 -7.82
C ALA A 125 20.01 -18.30 -8.89
N LEU A 126 19.54 -19.00 -9.93
CA LEU A 126 20.41 -19.55 -11.02
C LEU A 126 21.08 -18.39 -11.78
N ALA A 127 20.31 -17.40 -12.23
CA ALA A 127 20.82 -16.26 -13.01
C ALA A 127 21.77 -15.43 -12.15
N ALA A 128 21.52 -15.33 -10.84
CA ALA A 128 22.33 -14.50 -9.92
C ALA A 128 23.76 -15.04 -9.89
N ARG A 129 23.92 -16.38 -9.92
CA ARG A 129 25.25 -17.05 -9.83
C ARG A 129 26.07 -16.70 -11.07
N GLU A 130 25.42 -16.53 -12.22
CA GLU A 130 26.04 -16.07 -13.49
C GLU A 130 26.35 -14.55 -13.48
N MET A 131 25.55 -13.73 -12.78
CA MET A 131 25.65 -12.23 -12.82
C MET A 131 26.86 -11.75 -12.00
N ARG A 132 27.31 -12.58 -11.06
CA ARG A 132 28.48 -12.31 -10.19
C ARG A 132 29.65 -11.92 -11.08
N LYS A 133 29.93 -12.72 -12.12
CA LYS A 133 31.16 -12.56 -12.94
C LYS A 133 31.29 -11.09 -13.32
N PRO A 134 30.65 -10.56 -14.38
CA PRO A 134 30.92 -9.18 -14.81
C PRO A 134 30.45 -8.16 -13.78
N GLY A 135 30.30 -6.88 -14.16
CA GLY A 135 29.78 -5.80 -13.30
C GLY A 135 28.36 -6.10 -12.82
N PRO A 136 27.49 -5.08 -12.66
CA PRO A 136 26.22 -5.25 -11.96
C PRO A 136 25.16 -6.02 -12.78
N GLY A 137 24.15 -6.57 -12.11
CA GLY A 137 23.03 -7.29 -12.74
C GLY A 137 21.66 -6.74 -12.35
N ALA A 138 20.60 -7.18 -13.02
CA ALA A 138 19.23 -6.74 -12.73
C ALA A 138 18.22 -7.84 -13.08
N ILE A 139 17.18 -7.94 -12.27
CA ILE A 139 16.02 -8.84 -12.49
C ILE A 139 14.76 -7.97 -12.49
N VAL A 140 13.86 -8.25 -13.44
CA VAL A 140 12.54 -7.59 -13.51
C VAL A 140 11.50 -8.69 -13.56
N ASN A 141 10.56 -8.67 -12.62
CA ASN A 141 9.42 -9.62 -12.56
C ASN A 141 8.19 -8.94 -13.14
N VAL A 142 7.51 -9.60 -14.08
CA VAL A 142 6.22 -9.11 -14.61
C VAL A 142 5.09 -9.67 -13.76
N ALA A 143 4.51 -8.86 -12.90
CA ALA A 143 3.33 -9.27 -12.10
C ALA A 143 2.06 -8.92 -12.88
N SER A 144 1.27 -8.00 -12.33
CA SER A 144 -0.14 -7.68 -12.70
C SER A 144 -0.76 -6.89 -11.54
N TYR A 145 -1.65 -5.94 -11.84
CA TYR A 145 -2.56 -5.30 -10.84
C TYR A 145 -3.21 -6.40 -9.97
N LEU A 146 -3.33 -7.64 -10.49
CA LEU A 146 -4.00 -8.80 -9.81
C LEU A 146 -3.02 -9.50 -8.82
N GLY A 147 -1.83 -8.92 -8.57
CA GLY A 147 -1.00 -9.15 -7.35
C GLY A 147 -1.32 -8.23 -6.15
N LEU A 148 -1.88 -7.04 -6.39
CA LEU A 148 -2.15 -6.00 -5.36
C LEU A 148 -3.64 -5.96 -5.00
N PHE A 149 -4.48 -6.58 -5.84
CA PHE A 149 -5.97 -6.70 -5.72
C PHE A 149 -6.39 -8.10 -6.18
N ALA A 150 -7.67 -8.40 -6.05
CA ALA A 150 -8.28 -9.67 -6.49
C ALA A 150 -9.32 -9.38 -7.58
N GLU A 151 -9.62 -10.41 -8.39
CA GLU A 151 -10.86 -10.49 -9.22
C GLU A 151 -11.54 -11.81 -8.89
N GLN A 152 -12.81 -11.94 -9.26
CA GLN A 152 -13.63 -13.15 -8.99
C GLN A 152 -13.02 -14.33 -9.76
N GLU A 153 -13.04 -15.52 -9.15
CA GLU A 153 -12.81 -16.81 -9.85
C GLU A 153 -11.38 -16.83 -10.41
N ASN A 154 -10.41 -16.30 -9.66
CA ASN A 154 -9.00 -16.32 -10.13
C ASN A 154 -8.01 -16.44 -8.95
N ALA A 155 -8.35 -17.26 -7.95
CA ALA A 155 -7.60 -17.40 -6.69
C ALA A 155 -6.14 -17.74 -6.94
N ALA A 156 -5.82 -18.65 -7.84
CA ALA A 156 -4.43 -19.14 -7.95
C ALA A 156 -3.52 -18.00 -8.47
N TYR A 157 -3.99 -17.28 -9.48
CA TYR A 157 -3.28 -16.11 -10.07
C TYR A 157 -3.14 -15.00 -9.00
N ASN A 158 -4.23 -14.62 -8.32
CA ASN A 158 -4.17 -13.59 -7.26
C ASN A 158 -3.10 -14.00 -6.23
N ALA A 159 -3.14 -15.23 -5.74
CA ALA A 159 -2.23 -15.67 -4.67
C ALA A 159 -0.78 -15.65 -5.18
N SER A 160 -0.54 -16.14 -6.40
CA SER A 160 0.83 -16.33 -6.92
C SER A 160 1.44 -14.95 -7.17
N LYS A 161 0.64 -14.01 -7.67
CA LYS A 161 1.11 -12.63 -7.98
C LYS A 161 1.34 -11.87 -6.68
N GLY A 162 0.52 -12.08 -5.67
CA GLY A 162 0.76 -11.55 -4.31
C GLY A 162 2.12 -11.98 -3.80
N GLY A 163 2.42 -13.27 -3.94
CA GLY A 163 3.72 -13.88 -3.62
C GLY A 163 4.84 -13.28 -4.45
N LEU A 164 4.62 -13.10 -5.76
CA LEU A 164 5.65 -12.56 -6.68
C LEU A 164 6.04 -11.15 -6.24
N VAL A 165 5.04 -10.35 -5.83
CA VAL A 165 5.29 -8.97 -5.36
C VAL A 165 6.20 -9.03 -4.15
N ASN A 166 5.90 -9.88 -3.17
CA ASN A 166 6.71 -9.86 -1.93
C ASN A 166 8.03 -10.61 -2.19
N LEU A 167 8.06 -11.54 -3.16
CA LEU A 167 9.33 -12.22 -3.53
C LEU A 167 10.27 -11.16 -4.10
N THR A 168 9.74 -10.24 -4.92
CA THR A 168 10.53 -9.15 -5.54
C THR A 168 11.24 -8.39 -4.42
N ARG A 169 10.55 -8.08 -3.31
CA ARG A 169 11.16 -7.32 -2.21
C ARG A 169 12.23 -8.17 -1.56
N SER A 170 11.93 -9.44 -1.28
CA SER A 170 12.86 -10.42 -0.63
C SER A 170 14.17 -10.53 -1.44
N LEU A 171 14.05 -10.76 -2.75
CA LEU A 171 15.19 -10.84 -3.71
C LEU A 171 15.98 -9.53 -3.71
N ALA A 172 15.31 -8.39 -3.56
CA ALA A 172 15.98 -7.07 -3.60
C ALA A 172 16.90 -6.97 -2.39
N LEU A 173 16.38 -7.27 -1.19
CA LEU A 173 17.20 -7.31 0.04
C LEU A 173 18.35 -8.31 -0.13
N ASP A 174 18.05 -9.54 -0.51
CA ASP A 174 19.00 -10.68 -0.42
C ASP A 174 20.12 -10.49 -1.46
N LEU A 175 19.81 -9.97 -2.66
CA LEU A 175 20.79 -9.89 -3.79
C LEU A 175 21.48 -8.51 -3.87
N ALA A 176 21.07 -7.52 -3.10
CA ALA A 176 21.70 -6.16 -3.13
C ALA A 176 23.20 -6.27 -2.87
N PRO A 177 23.65 -7.07 -1.88
CA PRO A 177 25.10 -7.24 -1.65
C PRO A 177 25.92 -7.67 -2.88
N LEU A 178 25.31 -8.44 -3.80
CA LEU A 178 25.92 -8.94 -5.07
C LEU A 178 25.75 -7.93 -6.21
N ARG A 179 25.36 -6.67 -5.91
CA ARG A 179 25.17 -5.58 -6.91
C ARG A 179 24.07 -5.97 -7.92
N ILE A 180 23.02 -6.66 -7.46
CA ILE A 180 21.86 -7.07 -8.30
C ILE A 180 20.60 -6.33 -7.80
N ARG A 181 19.97 -5.57 -8.70
CA ARG A 181 18.72 -4.82 -8.45
C ARG A 181 17.55 -5.72 -8.85
N VAL A 182 16.45 -5.71 -8.11
CA VAL A 182 15.26 -6.53 -8.42
C VAL A 182 14.01 -5.68 -8.20
N ASN A 183 13.20 -5.54 -9.25
CA ASN A 183 11.97 -4.73 -9.29
C ASN A 183 10.90 -5.55 -9.99
N ALA A 184 9.64 -5.12 -9.90
CA ALA A 184 8.55 -5.73 -10.69
C ALA A 184 7.81 -4.60 -11.42
N VAL A 185 7.17 -4.94 -12.55
CA VAL A 185 6.08 -4.13 -13.14
C VAL A 185 4.76 -4.81 -12.81
N ALA A 186 3.70 -4.03 -12.60
CA ALA A 186 2.32 -4.51 -12.40
C ALA A 186 1.45 -3.92 -13.50
N PRO A 187 1.36 -4.62 -14.65
CA PRO A 187 0.56 -4.15 -15.79
C PRO A 187 -0.94 -4.13 -15.49
N GLY A 188 -1.64 -3.19 -16.11
CA GLY A 188 -3.10 -3.19 -16.26
C GLY A 188 -3.49 -4.21 -17.32
N PHE A 189 -4.62 -4.01 -17.99
CA PHE A 189 -5.07 -4.86 -19.11
C PHE A 189 -4.23 -4.50 -20.32
N ILE A 190 -3.47 -5.46 -20.87
CA ILE A 190 -2.58 -5.24 -22.04
C ILE A 190 -3.14 -5.99 -23.25
N ALA A 191 -3.23 -5.34 -24.41
CA ALA A 191 -3.78 -5.91 -25.66
C ALA A 191 -2.79 -6.89 -26.28
N THR A 192 -2.56 -8.02 -25.61
CA THR A 192 -1.83 -9.21 -26.12
C THR A 192 -2.83 -10.10 -26.87
N GLU A 193 -2.34 -11.08 -27.65
CA GLU A 193 -3.15 -12.09 -28.35
C GLU A 193 -4.10 -12.78 -27.36
N ALA A 194 -3.61 -13.14 -26.16
CA ALA A 194 -4.38 -13.89 -25.16
C ALA A 194 -5.60 -13.06 -24.71
N LEU A 195 -5.41 -11.77 -24.44
CA LEU A 195 -6.53 -10.91 -23.99
C LEU A 195 -7.50 -10.69 -25.15
N LEU A 196 -6.99 -10.54 -26.37
CA LEU A 196 -7.84 -10.40 -27.58
C LEU A 196 -8.65 -11.70 -27.80
N GLU A 197 -8.08 -12.88 -27.57
CA GLU A 197 -8.83 -14.17 -27.68
C GLU A 197 -9.99 -14.14 -26.67
N LEU A 198 -9.73 -13.75 -25.43
CA LEU A 198 -10.71 -13.69 -24.31
C LEU A 198 -11.86 -12.72 -24.67
N ILE A 199 -11.53 -11.53 -25.14
CA ILE A 199 -12.51 -10.51 -25.61
C ILE A 199 -13.33 -11.13 -26.74
N ALA A 200 -12.66 -11.66 -27.76
CA ALA A 200 -13.27 -12.21 -29.00
C ALA A 200 -14.32 -13.28 -28.65
N LEU A 201 -14.11 -14.07 -27.59
CA LEU A 201 -14.93 -15.24 -27.24
C LEU A 201 -16.01 -14.85 -26.23
N SER A 202 -16.00 -13.62 -25.73
CA SER A 202 -17.08 -13.11 -24.84
C SER A 202 -18.36 -12.92 -25.68
N PRO A 203 -19.56 -12.87 -25.06
CA PRO A 203 -20.80 -12.71 -25.81
C PRO A 203 -20.87 -11.42 -26.64
N ASP A 204 -20.49 -10.27 -26.06
CA ASP A 204 -20.52 -8.94 -26.71
C ASP A 204 -19.10 -8.39 -26.69
N PRO A 205 -18.22 -8.83 -27.62
CA PRO A 205 -16.79 -8.48 -27.58
C PRO A 205 -16.48 -6.98 -27.41
N GLU A 206 -17.26 -6.10 -28.04
CA GLU A 206 -16.96 -4.65 -28.00
C GLU A 206 -17.35 -4.09 -26.64
N ARG A 207 -18.47 -4.56 -26.07
CA ARG A 207 -18.92 -4.13 -24.71
C ARG A 207 -17.85 -4.56 -23.69
N THR A 208 -17.31 -5.76 -23.83
CA THR A 208 -16.25 -6.32 -22.96
C THR A 208 -15.01 -5.44 -23.02
N ARG A 209 -14.54 -5.12 -24.21
CA ARG A 209 -13.33 -4.30 -24.41
C ARG A 209 -13.54 -2.89 -23.84
N ARG A 210 -14.72 -2.27 -24.05
CA ARG A 210 -15.06 -0.91 -23.56
C ARG A 210 -15.03 -0.92 -22.02
N ASP A 211 -15.59 -1.96 -21.39
CA ASP A 211 -15.62 -2.10 -19.91
C ASP A 211 -14.18 -2.18 -19.39
N MET A 212 -13.32 -2.95 -20.05
CA MET A 212 -11.89 -3.06 -19.66
C MET A 212 -11.19 -1.70 -19.83
N GLU A 213 -11.35 -1.05 -20.99
CA GLU A 213 -10.75 0.27 -21.26
C GLU A 213 -11.19 1.26 -20.16
N ASP A 214 -12.47 1.27 -19.81
CA ASP A 214 -13.08 2.30 -18.94
C ASP A 214 -12.48 2.22 -17.52
N LEU A 215 -11.93 1.07 -17.11
CA LEU A 215 -11.28 0.91 -15.77
C LEU A 215 -9.96 1.69 -15.67
N HIS A 216 -9.37 2.11 -16.80
CA HIS A 216 -8.07 2.84 -16.85
C HIS A 216 -8.34 4.34 -17.02
N ALA A 217 -7.64 5.18 -16.28
CA ALA A 217 -7.73 6.65 -16.42
C ALA A 217 -7.56 7.03 -17.90
N LEU A 218 -6.70 6.31 -18.64
CA LEU A 218 -6.40 6.57 -20.07
C LEU A 218 -7.48 5.98 -20.98
N ARG A 219 -8.43 5.22 -20.43
CA ARG A 219 -9.59 4.70 -21.20
C ARG A 219 -9.12 4.02 -22.48
N ARG A 220 -8.11 3.18 -22.39
CA ARG A 220 -7.62 2.31 -23.48
C ARG A 220 -6.82 1.15 -22.87
N LEU A 221 -6.65 0.09 -23.66
CA LEU A 221 -5.79 -1.05 -23.31
C LEU A 221 -4.33 -0.59 -23.42
N GLY A 222 -3.46 -1.19 -22.62
CA GLY A 222 -2.01 -1.02 -22.79
C GLY A 222 -1.50 -1.74 -24.02
N LYS A 223 -0.32 -1.38 -24.49
CA LYS A 223 0.39 -2.10 -25.57
C LYS A 223 1.52 -2.88 -24.93
N PRO A 224 1.79 -4.13 -25.37
CA PRO A 224 2.95 -4.89 -24.91
C PRO A 224 4.25 -4.06 -24.92
N GLU A 225 4.42 -3.24 -25.95
CA GLU A 225 5.59 -2.33 -26.13
C GLU A 225 5.74 -1.42 -24.91
N GLU A 226 4.63 -0.93 -24.35
CA GLU A 226 4.63 0.08 -23.25
C GLU A 226 5.08 -0.59 -21.94
N VAL A 227 4.76 -1.87 -21.76
CA VAL A 227 5.25 -2.67 -20.62
C VAL A 227 6.76 -2.90 -20.77
N ALA A 228 7.20 -3.20 -21.99
CA ALA A 228 8.63 -3.49 -22.28
C ALA A 228 9.47 -2.25 -21.98
N GLU A 229 8.95 -1.05 -22.24
CA GLU A 229 9.71 0.21 -21.99
C GLU A 229 10.00 0.32 -20.50
N ALA A 230 9.03 0.02 -19.66
CA ALA A 230 9.17 0.02 -18.19
C ALA A 230 10.25 -1.02 -17.82
N VAL A 231 10.18 -2.22 -18.39
CA VAL A 231 11.12 -3.34 -18.11
C VAL A 231 12.55 -2.91 -18.48
N LEU A 232 12.75 -2.39 -19.69
CA LEU A 232 14.06 -1.84 -20.11
C LEU A 232 14.53 -0.80 -19.10
N PHE A 233 13.67 0.13 -18.71
CA PHE A 233 14.08 1.22 -17.79
C PHE A 233 14.60 0.58 -16.50
N LEU A 234 13.83 -0.34 -15.93
CA LEU A 234 14.12 -0.95 -14.61
C LEU A 234 15.35 -1.84 -14.69
N ALA A 235 15.65 -2.44 -15.85
CA ALA A 235 16.85 -3.29 -16.05
C ALA A 235 18.11 -2.45 -16.31
N SER A 236 17.95 -1.16 -16.62
CA SER A 236 18.98 -0.22 -17.12
C SER A 236 19.70 0.44 -15.94
N GLU A 237 20.87 1.02 -16.18
CA GLU A 237 21.65 1.73 -15.13
C GLU A 237 21.03 3.10 -14.83
N LYS A 238 20.07 3.57 -15.65
CA LYS A 238 19.24 4.76 -15.34
C LYS A 238 18.46 4.56 -14.02
N ALA A 239 18.14 3.31 -13.71
CA ALA A 239 17.38 2.88 -12.50
C ALA A 239 18.31 2.43 -11.38
N SER A 240 19.53 2.96 -11.32
CA SER A 240 20.66 2.46 -10.49
C SER A 240 20.36 2.56 -8.99
N PHE A 241 19.43 3.43 -8.57
CA PHE A 241 19.00 3.54 -7.15
C PHE A 241 17.55 3.05 -6.97
N ILE A 242 17.04 2.26 -7.90
CA ILE A 242 15.68 1.67 -7.77
C ILE A 242 15.81 0.15 -7.58
N THR A 243 15.45 -0.36 -6.40
CA THR A 243 15.37 -1.81 -6.11
C THR A 243 14.22 -2.02 -5.11
N GLY A 244 13.48 -3.11 -5.23
CA GLY A 244 12.37 -3.46 -4.33
C GLY A 244 11.05 -2.82 -4.72
N ALA A 245 11.04 -2.09 -5.85
CA ALA A 245 9.90 -1.28 -6.31
C ALA A 245 8.91 -2.15 -7.08
N ILE A 246 7.61 -1.95 -6.86
CA ILE A 246 6.55 -2.52 -7.72
C ILE A 246 5.94 -1.37 -8.54
N LEU A 247 6.21 -1.30 -9.84
CA LEU A 247 5.87 -0.14 -10.70
C LEU A 247 4.65 -0.49 -11.53
N PRO A 248 3.49 0.16 -11.26
CA PRO A 248 2.29 -0.10 -12.03
C PRO A 248 2.45 0.47 -13.45
N VAL A 249 2.04 -0.33 -14.43
CA VAL A 249 1.99 0.12 -15.85
C VAL A 249 0.56 -0.17 -16.30
N ASP A 250 -0.38 0.66 -15.85
CA ASP A 250 -1.82 0.32 -15.80
C ASP A 250 -2.67 1.53 -16.21
N GLY A 251 -2.09 2.55 -16.84
CA GLY A 251 -2.80 3.76 -17.26
C GLY A 251 -3.73 4.30 -16.20
N GLY A 252 -3.34 4.25 -14.93
CA GLY A 252 -4.15 4.86 -13.83
C GLY A 252 -5.15 3.91 -13.19
N LEU A 253 -5.22 2.63 -13.61
CA LEU A 253 -6.20 1.62 -13.14
C LEU A 253 -6.22 1.56 -11.60
N THR A 254 -5.06 1.47 -10.95
CA THR A 254 -4.94 1.23 -9.48
C THR A 254 -4.90 2.55 -8.71
N ALA A 255 -5.02 3.69 -9.38
CA ALA A 255 -5.15 5.00 -8.71
C ALA A 255 -6.62 5.33 -8.35
N SER A 256 -7.64 4.57 -8.82
CA SER A 256 -9.09 4.83 -8.59
C SER A 256 -9.96 3.57 -8.55
N PHE A 257 -11.30 3.76 -8.33
CA PHE A 257 -12.42 2.78 -8.51
C PHE A 257 -13.63 3.41 -9.23
N MET B 9 -20.09 -0.10 34.17
CA MET B 9 -21.29 -0.34 33.30
C MET B 9 -20.95 0.00 31.83
N GLY B 10 -20.11 -0.87 31.24
CA GLY B 10 -19.76 -0.87 29.80
C GLY B 10 -18.27 -0.64 29.54
N LEU B 11 -17.88 -0.59 28.27
CA LEU B 11 -16.47 -0.65 27.80
C LEU B 11 -15.75 0.70 27.97
N PHE B 12 -16.49 1.81 27.95
CA PHE B 12 -15.96 3.20 28.02
C PHE B 12 -16.59 3.91 29.24
N ALA B 13 -16.84 3.12 30.28
CA ALA B 13 -17.52 3.54 31.53
C ALA B 13 -16.69 4.64 32.20
N GLY B 14 -17.23 5.87 32.26
CA GLY B 14 -16.65 7.00 33.00
C GLY B 14 -15.57 7.72 32.20
N LYS B 15 -15.42 7.37 30.92
CA LYS B 15 -14.38 7.93 30.04
C LYS B 15 -14.95 9.15 29.35
N GLY B 16 -14.11 10.17 29.19
CA GLY B 16 -14.43 11.38 28.41
C GLY B 16 -14.07 11.19 26.95
N VAL B 17 -15.05 11.35 26.06
CA VAL B 17 -14.93 11.05 24.61
C VAL B 17 -15.38 12.30 23.83
N LEU B 18 -14.47 12.89 23.08
CA LEU B 18 -14.75 14.01 22.16
C LEU B 18 -15.02 13.43 20.77
N VAL B 19 -16.04 13.92 20.09
CA VAL B 19 -16.44 13.49 18.72
C VAL B 19 -16.79 14.75 17.91
N THR B 20 -16.13 15.00 16.78
CA THR B 20 -16.41 16.14 15.87
C THR B 20 -17.45 15.70 14.84
N GLY B 21 -18.22 16.64 14.29
CA GLY B 21 -19.29 16.33 13.29
C GLY B 21 -20.30 15.34 13.84
N GLY B 22 -20.68 15.49 15.11
CA GLY B 22 -21.52 14.51 15.84
C GLY B 22 -23.02 14.68 15.62
N ALA B 23 -23.47 15.69 14.87
CA ALA B 23 -24.92 15.98 14.73
C ALA B 23 -25.58 14.91 13.85
N ARG B 24 -24.98 14.54 12.73
CA ARG B 24 -25.61 13.51 11.85
C ARG B 24 -24.59 12.44 11.43
N GLY B 25 -25.05 11.45 10.66
CA GLY B 25 -24.27 10.42 9.96
C GLY B 25 -23.42 9.60 10.91
N ILE B 26 -22.17 9.37 10.50
CA ILE B 26 -21.16 8.52 11.19
C ILE B 26 -20.88 9.13 12.57
N GLY B 27 -20.69 10.44 12.63
CA GLY B 27 -20.45 11.19 13.88
C GLY B 27 -21.52 10.92 14.92
N ARG B 28 -22.79 11.02 14.53
CA ARG B 28 -23.93 10.74 15.44
C ARG B 28 -23.82 9.30 15.91
N ALA B 29 -23.65 8.37 14.96
CA ALA B 29 -23.58 6.93 15.25
C ALA B 29 -22.43 6.66 16.24
N ILE B 30 -21.30 7.37 16.10
CA ILE B 30 -20.11 7.21 16.98
C ILE B 30 -20.45 7.73 18.39
N ALA B 31 -20.94 8.96 18.51
CA ALA B 31 -21.45 9.54 19.80
C ALA B 31 -22.43 8.56 20.47
N GLN B 32 -23.40 8.03 19.72
CA GLN B 32 -24.40 7.05 20.26
C GLN B 32 -23.69 5.80 20.77
N ALA B 33 -22.75 5.26 19.98
CA ALA B 33 -22.06 3.99 20.31
C ALA B 33 -21.27 4.17 21.62
N PHE B 34 -20.57 5.30 21.79
CA PHE B 34 -19.73 5.55 23.00
C PHE B 34 -20.64 5.67 24.23
N ALA B 35 -21.73 6.43 24.10
CA ALA B 35 -22.72 6.66 25.18
C ALA B 35 -23.27 5.31 25.62
N ARG B 36 -23.69 4.47 24.64
CA ARG B 36 -24.21 3.10 24.90
C ARG B 36 -23.22 2.33 25.79
N GLU B 37 -21.90 2.54 25.66
CA GLU B 37 -20.85 1.83 26.45
C GLU B 37 -20.42 2.67 27.66
N GLY B 38 -21.23 3.66 28.05
CA GLY B 38 -21.11 4.38 29.32
C GLY B 38 -20.04 5.48 29.27
N ALA B 39 -19.84 6.08 28.10
CA ALA B 39 -18.89 7.20 27.93
C ALA B 39 -19.58 8.51 28.29
N LEU B 40 -18.85 9.45 28.88
CA LEU B 40 -19.20 10.89 28.93
C LEU B 40 -18.82 11.49 27.57
N VAL B 41 -19.80 11.72 26.70
CA VAL B 41 -19.59 12.15 25.30
C VAL B 41 -19.76 13.65 25.22
N ALA B 42 -18.73 14.37 24.77
CA ALA B 42 -18.82 15.76 24.27
C ALA B 42 -18.75 15.71 22.73
N LEU B 43 -19.77 16.20 22.05
CA LEU B 43 -19.80 16.25 20.56
C LEU B 43 -19.97 17.70 20.10
N CYS B 44 -19.29 18.07 19.03
CA CYS B 44 -19.39 19.40 18.41
C CYS B 44 -19.86 19.24 16.96
N ASP B 45 -20.39 20.32 16.40
CA ASP B 45 -20.91 20.39 15.02
C ASP B 45 -21.20 21.86 14.74
N LEU B 46 -21.24 22.23 13.47
CA LEU B 46 -21.74 23.54 12.99
C LEU B 46 -23.24 23.61 13.26
N ARG B 47 -23.94 22.51 13.01
CA ARG B 47 -25.42 22.40 13.04
C ARG B 47 -25.91 22.50 14.48
N PRO B 48 -26.91 23.37 14.78
CA PRO B 48 -27.38 23.54 16.16
C PRO B 48 -28.22 22.33 16.63
N GLU B 49 -28.74 21.55 15.68
CA GLU B 49 -29.50 20.31 15.93
C GLU B 49 -28.64 19.32 16.74
N GLY B 50 -27.32 19.50 16.74
CA GLY B 50 -26.40 18.72 17.59
C GLY B 50 -26.86 18.66 19.04
N LYS B 51 -27.48 19.76 19.52
CA LYS B 51 -28.08 19.89 20.88
C LYS B 51 -28.93 18.63 21.18
N GLU B 52 -29.77 18.20 20.22
CA GLU B 52 -30.81 17.18 20.47
C GLU B 52 -30.17 15.79 20.50
N VAL B 53 -29.03 15.64 19.85
CA VAL B 53 -28.25 14.36 19.84
C VAL B 53 -27.62 14.16 21.21
N ALA B 54 -27.04 15.23 21.78
CA ALA B 54 -26.38 15.21 23.09
C ALA B 54 -27.41 14.98 24.19
N GLU B 55 -28.52 15.73 24.14
CA GLU B 55 -29.66 15.56 25.08
C GLU B 55 -30.06 14.08 25.08
N ALA B 56 -30.35 13.52 23.90
CA ALA B 56 -30.85 12.14 23.67
C ALA B 56 -29.92 11.09 24.29
N ILE B 57 -28.61 11.32 24.41
CA ILE B 57 -27.63 10.29 24.88
C ILE B 57 -27.05 10.67 26.24
N GLY B 58 -27.38 11.85 26.76
CA GLY B 58 -26.92 12.29 28.09
C GLY B 58 -25.49 12.78 28.03
N GLY B 59 -25.17 13.56 26.99
CA GLY B 59 -23.83 14.13 26.78
C GLY B 59 -23.91 15.62 26.55
N ALA B 60 -22.76 16.24 26.31
CA ALA B 60 -22.54 17.69 26.12
C ALA B 60 -22.49 18.04 24.63
N PHE B 61 -23.07 19.16 24.22
CA PHE B 61 -23.00 19.71 22.84
C PHE B 61 -22.26 21.04 22.86
N PHE B 62 -21.52 21.31 21.80
CA PHE B 62 -20.81 22.60 21.58
C PHE B 62 -20.95 22.95 20.10
N GLN B 63 -21.48 24.13 19.80
CA GLN B 63 -21.57 24.60 18.40
C GLN B 63 -20.22 25.18 18.03
N VAL B 64 -19.48 24.51 17.13
CA VAL B 64 -18.07 24.83 16.78
C VAL B 64 -17.97 24.89 15.26
N ASP B 65 -17.17 25.83 14.75
CA ASP B 65 -16.70 25.87 13.35
C ASP B 65 -15.20 25.53 13.39
N LEU B 66 -14.88 24.30 13.01
CA LEU B 66 -13.51 23.72 13.12
C LEU B 66 -12.54 24.45 12.21
N GLU B 67 -13.03 25.24 11.24
CA GLU B 67 -12.20 26.11 10.37
C GLU B 67 -11.42 27.14 11.22
N ASP B 68 -11.96 27.49 12.40
CA ASP B 68 -11.44 28.57 13.28
C ASP B 68 -10.55 27.97 14.37
N GLU B 69 -9.26 28.27 14.37
CA GLU B 69 -8.30 27.73 15.39
C GLU B 69 -8.74 28.13 16.82
N ARG B 70 -9.36 29.30 17.02
CA ARG B 70 -9.84 29.72 18.38
C ARG B 70 -11.03 28.82 18.78
N GLU B 71 -11.97 28.61 17.88
CA GLU B 71 -13.15 27.74 18.16
C GLU B 71 -12.70 26.31 18.49
N ARG B 72 -11.51 25.88 18.05
CA ARG B 72 -11.00 24.50 18.31
C ARG B 72 -10.37 24.42 19.70
N VAL B 73 -9.56 25.42 20.09
CA VAL B 73 -9.04 25.56 21.49
C VAL B 73 -10.24 25.57 22.44
N ARG B 74 -11.26 26.38 22.11
CA ARG B 74 -12.51 26.56 22.91
C ARG B 74 -13.13 25.18 23.13
N PHE B 75 -13.46 24.47 22.04
CA PHE B 75 -14.17 23.16 22.10
C PHE B 75 -13.50 22.21 23.10
N VAL B 76 -12.16 22.11 23.09
CA VAL B 76 -11.45 21.07 23.89
C VAL B 76 -11.47 21.49 25.36
N GLU B 77 -11.14 22.75 25.67
CA GLU B 77 -11.17 23.33 27.04
C GLU B 77 -12.54 23.09 27.67
N GLU B 78 -13.62 23.52 26.99
CA GLU B 78 -15.01 23.43 27.50
C GLU B 78 -15.43 21.97 27.69
N ALA B 79 -15.14 21.11 26.70
CA ALA B 79 -15.42 19.66 26.77
C ALA B 79 -14.67 19.03 27.96
N ALA B 80 -13.36 19.26 28.09
CA ALA B 80 -12.56 18.74 29.22
C ALA B 80 -13.19 19.18 30.56
N TYR B 81 -13.63 20.43 30.64
CA TYR B 81 -14.30 21.01 31.84
C TYR B 81 -15.59 20.23 32.09
N ALA B 82 -16.50 20.25 31.11
CA ALA B 82 -17.81 19.55 31.17
C ALA B 82 -17.68 18.09 31.60
N LEU B 83 -16.70 17.33 31.09
CA LEU B 83 -16.61 15.85 31.31
C LEU B 83 -15.72 15.57 32.51
N GLY B 84 -14.81 16.49 32.84
CA GLY B 84 -13.87 16.32 33.96
C GLY B 84 -12.63 15.54 33.60
N ARG B 85 -12.63 14.85 32.47
CA ARG B 85 -11.42 14.17 31.92
C ARG B 85 -11.57 13.99 30.40
N VAL B 86 -10.43 13.76 29.72
CA VAL B 86 -10.39 13.38 28.28
C VAL B 86 -9.57 12.10 28.10
N ASP B 87 -10.18 11.08 27.48
CA ASP B 87 -9.57 9.75 27.23
C ASP B 87 -9.52 9.43 25.72
N VAL B 88 -10.50 9.90 24.92
CA VAL B 88 -10.64 9.53 23.49
C VAL B 88 -11.07 10.77 22.68
N LEU B 89 -10.40 11.01 21.58
CA LEU B 89 -10.82 11.99 20.54
C LEU B 89 -11.13 11.24 19.23
N VAL B 90 -12.24 11.60 18.59
CA VAL B 90 -12.57 11.12 17.22
C VAL B 90 -12.62 12.31 16.26
N ASN B 91 -11.70 12.38 15.33
CA ASN B 91 -11.72 13.40 14.26
C ASN B 91 -12.58 12.86 13.11
N ASN B 92 -13.85 13.20 13.09
CA ASN B 92 -14.81 12.66 12.12
C ASN B 92 -15.30 13.75 11.17
N ALA B 93 -15.35 15.02 11.59
CA ALA B 93 -15.88 16.12 10.75
C ALA B 93 -15.02 16.26 9.50
N ALA B 94 -15.63 16.40 8.34
CA ALA B 94 -14.93 16.71 7.07
C ALA B 94 -15.85 17.50 6.13
N ILE B 95 -15.28 18.35 5.27
CA ILE B 95 -16.01 19.03 4.17
C ILE B 95 -15.36 18.63 2.84
N ALA B 96 -16.06 18.86 1.73
CA ALA B 96 -15.49 18.72 0.38
C ALA B 96 -15.79 20.00 -0.40
N ALA B 97 -15.03 20.20 -1.48
CA ALA B 97 -15.17 21.28 -2.47
C ALA B 97 -15.10 20.61 -3.85
N PRO B 98 -16.25 20.40 -4.52
CA PRO B 98 -16.28 19.83 -5.85
C PRO B 98 -15.31 20.51 -6.82
N GLY B 99 -14.72 19.71 -7.70
CA GLY B 99 -13.80 20.17 -8.75
C GLY B 99 -12.44 19.50 -8.76
N SER B 100 -11.92 19.26 -9.98
CA SER B 100 -10.49 18.98 -10.30
C SER B 100 -9.62 20.15 -9.85
N ALA B 101 -8.31 20.06 -10.06
CA ALA B 101 -7.38 21.20 -9.81
C ALA B 101 -7.72 22.34 -10.78
N LEU B 102 -8.22 21.98 -11.98
CA LEU B 102 -8.58 22.93 -13.04
C LEU B 102 -9.74 23.83 -12.60
N THR B 103 -10.71 23.29 -11.85
CA THR B 103 -12.04 23.92 -11.65
C THR B 103 -12.21 24.44 -10.22
N VAL B 104 -11.45 23.93 -9.25
CA VAL B 104 -11.59 24.30 -7.81
C VAL B 104 -10.99 25.70 -7.60
N ARG B 105 -11.61 26.48 -6.72
CA ARG B 105 -11.12 27.82 -6.33
C ARG B 105 -10.18 27.64 -5.13
N LEU B 106 -9.08 28.40 -5.11
CA LEU B 106 -8.03 28.31 -4.05
C LEU B 106 -8.62 28.49 -2.66
N PRO B 107 -9.46 29.51 -2.37
CA PRO B 107 -10.02 29.66 -1.02
C PRO B 107 -10.80 28.42 -0.56
N GLU B 108 -11.54 27.78 -1.48
CA GLU B 108 -12.32 26.55 -1.22
C GLU B 108 -11.38 25.39 -0.83
N TRP B 109 -10.35 25.17 -1.67
CA TRP B 109 -9.24 24.22 -1.43
C TRP B 109 -8.65 24.44 -0.03
N ARG B 110 -8.26 25.66 0.28
CA ARG B 110 -7.57 26.01 1.57
C ARG B 110 -8.50 25.69 2.75
N ARG B 111 -9.82 25.86 2.59
CA ARG B 111 -10.83 25.68 3.67
C ARG B 111 -10.93 24.17 3.95
N VAL B 112 -11.09 23.38 2.90
CA VAL B 112 -11.11 21.89 2.98
C VAL B 112 -9.83 21.38 3.70
N LEU B 113 -8.65 21.90 3.39
CA LEU B 113 -7.39 21.44 4.04
C LEU B 113 -7.44 21.80 5.53
N GLU B 114 -7.96 22.98 5.88
CA GLU B 114 -8.00 23.52 7.26
C GLU B 114 -8.84 22.59 8.13
N VAL B 115 -10.04 22.26 7.66
CA VAL B 115 -11.06 21.43 8.38
C VAL B 115 -10.58 19.97 8.40
N ASN B 116 -10.14 19.44 7.25
CA ASN B 116 -9.96 17.98 7.06
C ASN B 116 -8.59 17.55 7.57
N LEU B 117 -7.61 18.44 7.55
CA LEU B 117 -6.19 18.06 7.80
C LEU B 117 -5.60 18.89 8.96
N THR B 118 -5.71 20.22 8.90
CA THR B 118 -5.15 21.10 9.96
C THR B 118 -5.93 20.90 11.29
N ALA B 119 -7.27 20.92 11.24
CA ALA B 119 -8.13 20.79 12.43
C ALA B 119 -7.84 19.50 13.18
N PRO B 120 -7.81 18.32 12.50
CA PRO B 120 -7.45 17.07 13.19
C PRO B 120 -6.09 17.07 13.88
N MET B 121 -5.09 17.70 13.25
CA MET B 121 -3.73 17.85 13.84
C MET B 121 -3.86 18.72 15.10
N HIS B 122 -4.49 19.89 14.95
CA HIS B 122 -4.65 20.87 16.06
C HIS B 122 -5.32 20.18 17.24
N LEU B 123 -6.53 19.66 17.01
CA LEU B 123 -7.38 18.99 18.02
C LEU B 123 -6.66 17.83 18.71
N SER B 124 -5.82 17.09 17.98
CA SER B 124 -5.06 15.93 18.52
C SER B 124 -4.03 16.45 19.53
N ALA B 125 -3.32 17.52 19.18
CA ALA B 125 -2.38 18.26 20.07
C ALA B 125 -3.11 18.75 21.34
N LEU B 126 -4.27 19.42 21.19
CA LEU B 126 -5.05 19.96 22.35
C LEU B 126 -5.51 18.80 23.24
N ALA B 127 -6.17 17.78 22.66
CA ALA B 127 -6.74 16.64 23.40
C ALA B 127 -5.62 15.85 24.06
N ALA B 128 -4.45 15.75 23.41
CA ALA B 128 -3.32 14.94 23.91
C ALA B 128 -2.87 15.49 25.25
N ARG B 129 -2.85 16.82 25.40
CA ARG B 129 -2.34 17.50 26.63
C ARG B 129 -3.26 17.15 27.81
N GLU B 130 -4.57 17.00 27.56
CA GLU B 130 -5.58 16.53 28.55
C GLU B 130 -5.47 15.03 28.85
N MET B 131 -5.04 14.20 27.89
CA MET B 131 -5.01 12.71 28.01
C MET B 131 -3.88 12.27 28.93
N ARG B 132 -2.85 13.11 29.05
CA ARG B 132 -1.65 12.86 29.89
C ARG B 132 -2.14 12.54 31.30
N LYS B 133 -3.03 13.37 31.86
CA LYS B 133 -3.41 13.31 33.29
C LYS B 133 -3.72 11.84 33.62
N PRO B 134 -4.94 11.29 33.41
CA PRO B 134 -5.25 9.96 33.92
C PRO B 134 -4.51 8.88 33.12
N GLY B 135 -5.00 7.63 33.14
CA GLY B 135 -4.51 6.48 32.36
C GLY B 135 -4.46 6.78 30.87
N PRO B 136 -4.41 5.73 30.01
CA PRO B 136 -4.00 5.90 28.61
C PRO B 136 -5.08 6.56 27.73
N GLY B 137 -4.69 7.10 26.58
CA GLY B 137 -5.59 7.76 25.62
C GLY B 137 -5.58 7.12 24.23
N ALA B 138 -6.49 7.56 23.38
CA ALA B 138 -6.64 7.04 22.00
C ALA B 138 -7.30 8.11 21.14
N ILE B 139 -6.85 8.19 19.90
CA ILE B 139 -7.45 9.04 18.84
C ILE B 139 -7.80 8.14 17.67
N VAL B 140 -8.99 8.34 17.09
CA VAL B 140 -9.39 7.66 15.84
C VAL B 140 -9.74 8.74 14.82
N ASN B 141 -9.08 8.72 13.66
CA ASN B 141 -9.39 9.64 12.52
C ASN B 141 -10.26 8.92 11.51
N VAL B 142 -11.37 9.52 11.13
CA VAL B 142 -12.29 8.99 10.09
C VAL B 142 -11.85 9.57 8.76
N ALA B 143 -11.18 8.77 7.95
CA ALA B 143 -10.78 9.13 6.59
C ALA B 143 -11.91 8.74 5.64
N SER B 144 -11.62 7.80 4.74
CA SER B 144 -12.38 7.44 3.52
C SER B 144 -11.45 6.62 2.62
N TYR B 145 -12.00 5.65 1.87
CA TYR B 145 -11.31 5.01 0.71
C TYR B 145 -10.67 6.09 -0.17
N LEU B 146 -11.20 7.33 -0.16
CA LEU B 146 -10.77 8.50 -1.00
C LEU B 146 -9.57 9.24 -0.37
N GLY B 147 -8.97 8.68 0.71
CA GLY B 147 -7.58 8.98 1.17
C GLY B 147 -6.50 8.06 0.57
N LEU B 148 -6.86 6.84 0.15
CA LEU B 148 -5.90 5.81 -0.33
C LEU B 148 -5.93 5.73 -1.87
N PHE B 149 -6.97 6.35 -2.48
CA PHE B 149 -7.23 6.41 -3.95
C PHE B 149 -7.82 7.79 -4.27
N ALA B 150 -8.14 8.05 -5.54
CA ALA B 150 -8.82 9.27 -6.01
C ALA B 150 -10.16 8.91 -6.67
N GLU B 151 -11.06 9.90 -6.77
CA GLU B 151 -12.19 9.95 -7.73
C GLU B 151 -12.08 11.26 -8.52
N GLN B 152 -12.80 11.34 -9.63
CA GLN B 152 -12.83 12.53 -10.52
C GLN B 152 -13.44 13.70 -9.74
N GLU B 153 -12.93 14.91 -9.98
CA GLU B 153 -13.61 16.18 -9.60
C GLU B 153 -13.69 16.27 -8.08
N ASN B 154 -12.67 15.81 -7.36
CA ASN B 154 -12.70 15.87 -5.88
C ASN B 154 -11.28 16.07 -5.30
N ALA B 155 -10.47 16.91 -5.94
CA ALA B 155 -9.03 17.06 -5.63
C ALA B 155 -8.81 17.42 -4.15
N ALA B 156 -9.60 18.33 -3.59
CA ALA B 156 -9.34 18.86 -2.24
C ALA B 156 -9.52 17.73 -1.21
N TYR B 157 -10.61 16.98 -1.33
CA TYR B 157 -10.94 15.83 -0.45
C TYR B 157 -9.87 14.75 -0.60
N ASN B 158 -9.53 14.35 -1.83
CA ASN B 158 -8.49 13.32 -2.06
C ASN B 158 -7.19 13.76 -1.37
N ALA B 159 -6.76 14.99 -1.59
CA ALA B 159 -5.47 15.49 -1.04
C ALA B 159 -5.53 15.51 0.49
N SER B 160 -6.62 16.00 1.08
CA SER B 160 -6.72 16.23 2.54
C SER B 160 -6.75 14.87 3.23
N LYS B 161 -7.46 13.89 2.64
CA LYS B 161 -7.55 12.53 3.22
C LYS B 161 -6.21 11.78 3.07
N GLY B 162 -5.50 11.99 1.98
CA GLY B 162 -4.11 11.49 1.84
C GLY B 162 -3.24 11.97 2.97
N GLY B 163 -3.32 13.28 3.25
CA GLY B 163 -2.65 13.94 4.39
C GLY B 163 -3.09 13.36 5.72
N LEU B 164 -4.39 13.16 5.90
CA LEU B 164 -4.96 12.61 7.16
C LEU B 164 -4.38 11.21 7.43
N VAL B 165 -4.23 10.40 6.40
CA VAL B 165 -3.71 9.01 6.52
C VAL B 165 -2.28 9.13 7.03
N ASN B 166 -1.47 9.98 6.44
CA ASN B 166 -0.04 10.01 6.87
C ASN B 166 0.06 10.79 8.20
N LEU B 167 -0.87 11.71 8.48
CA LEU B 167 -0.89 12.39 9.79
C LEU B 167 -1.17 11.35 10.88
N THR B 168 -2.05 10.39 10.61
CA THR B 168 -2.37 9.30 11.57
C THR B 168 -1.07 8.58 11.96
N ARG B 169 -0.21 8.28 11.00
CA ARG B 169 1.06 7.56 11.28
C ARG B 169 1.96 8.46 12.10
N SER B 170 2.07 9.74 11.72
CA SER B 170 2.92 10.77 12.38
C SER B 170 2.53 10.90 13.86
N LEU B 171 1.22 11.09 14.13
CA LEU B 171 0.66 11.20 15.49
C LEU B 171 0.91 9.90 16.27
N ALA B 172 0.91 8.75 15.61
CA ALA B 172 1.11 7.45 16.29
C ALA B 172 2.53 7.43 16.85
N LEU B 173 3.52 7.74 16.01
CA LEU B 173 4.94 7.85 16.47
C LEU B 173 5.05 8.89 17.58
N ASP B 174 4.56 10.11 17.34
CA ASP B 174 4.88 11.29 18.18
C ASP B 174 4.16 11.16 19.54
N LEU B 175 2.95 10.59 19.60
CA LEU B 175 2.13 10.52 20.84
C LEU B 175 2.28 9.18 21.57
N ALA B 176 2.99 8.19 21.05
CA ALA B 176 3.21 6.89 21.76
C ALA B 176 3.87 7.16 23.11
N PRO B 177 4.88 8.06 23.22
CA PRO B 177 5.49 8.40 24.51
C PRO B 177 4.51 8.86 25.59
N LEU B 178 3.37 9.47 25.23
CA LEU B 178 2.30 9.91 26.16
C LEU B 178 1.25 8.81 26.38
N ARG B 179 1.54 7.57 25.98
CA ARG B 179 0.62 6.39 26.14
C ARG B 179 -0.69 6.65 25.38
N ILE B 180 -0.58 7.24 24.19
CA ILE B 180 -1.73 7.53 23.29
C ILE B 180 -1.57 6.75 21.98
N ARG B 181 -2.57 5.93 21.63
CA ARG B 181 -2.63 5.18 20.35
C ARG B 181 -3.40 6.02 19.32
N VAL B 182 -2.99 6.01 18.06
CA VAL B 182 -3.69 6.78 17.00
C VAL B 182 -3.83 5.90 15.75
N ASN B 183 -5.07 5.71 15.31
CA ASN B 183 -5.44 4.87 14.15
C ASN B 183 -6.47 5.64 13.32
N ALA B 184 -6.77 5.15 12.13
CA ALA B 184 -7.82 5.70 11.26
C ALA B 184 -8.71 4.58 10.77
N VAL B 185 -9.97 4.89 10.51
CA VAL B 185 -10.89 4.05 9.69
C VAL B 185 -11.05 4.72 8.32
N ALA B 186 -11.18 3.90 7.27
CA ALA B 186 -11.36 4.35 5.89
C ALA B 186 -12.66 3.74 5.38
N PRO B 187 -13.80 4.43 5.59
CA PRO B 187 -15.09 3.92 5.18
C PRO B 187 -15.26 3.85 3.66
N GLY B 188 -16.04 2.87 3.21
CA GLY B 188 -16.57 2.79 1.84
C GLY B 188 -17.79 3.70 1.73
N PHE B 189 -18.76 3.36 0.88
CA PHE B 189 -20.00 4.14 0.76
C PHE B 189 -20.88 3.83 1.96
N ILE B 190 -21.20 4.84 2.78
CA ILE B 190 -22.04 4.67 4.00
C ILE B 190 -23.37 5.36 3.77
N ALA B 191 -24.48 4.67 4.03
CA ALA B 191 -25.86 5.19 3.89
C ALA B 191 -26.15 6.15 5.05
N THR B 192 -25.53 7.33 5.00
CA THR B 192 -25.85 8.53 5.81
C THR B 192 -26.97 9.29 5.11
N GLU B 193 -27.60 10.25 5.81
CA GLU B 193 -28.65 11.14 5.22
C GLU B 193 -28.10 11.79 3.95
N ALA B 194 -26.87 12.28 3.97
CA ALA B 194 -26.27 13.06 2.85
C ALA B 194 -26.17 12.17 1.61
N LEU B 195 -25.71 10.92 1.76
CA LEU B 195 -25.56 10.00 0.61
C LEU B 195 -26.94 9.61 0.09
N LEU B 196 -27.91 9.40 1.00
CA LEU B 196 -29.30 9.07 0.61
C LEU B 196 -29.94 10.27 -0.09
N GLU B 197 -29.65 11.51 0.32
CA GLU B 197 -30.17 12.73 -0.37
C GLU B 197 -29.62 12.74 -1.79
N LEU B 198 -28.30 12.49 -1.95
CA LEU B 198 -27.58 12.50 -3.25
C LEU B 198 -28.21 11.46 -4.18
N ILE B 199 -28.40 10.23 -3.69
CA ILE B 199 -29.04 9.12 -4.46
C ILE B 199 -30.45 9.59 -4.86
N ALA B 200 -31.24 10.04 -3.88
CA ALA B 200 -32.66 10.42 -4.07
C ALA B 200 -32.80 11.48 -5.16
N LEU B 201 -31.85 12.41 -5.28
CA LEU B 201 -31.94 13.59 -6.19
C LEU B 201 -31.25 13.28 -7.53
N SER B 202 -30.62 12.12 -7.67
CA SER B 202 -30.04 11.67 -8.97
C SER B 202 -31.21 11.36 -9.91
N PRO B 203 -31.00 11.37 -11.24
CA PRO B 203 -32.08 11.10 -12.19
C PRO B 203 -32.74 9.73 -12.00
N ASP B 204 -31.94 8.66 -11.83
CA ASP B 204 -32.45 7.27 -11.66
C ASP B 204 -31.96 6.76 -10.31
N PRO B 205 -32.62 7.13 -9.19
CA PRO B 205 -32.13 6.79 -7.86
C PRO B 205 -31.78 5.31 -7.63
N GLU B 206 -32.56 4.39 -8.18
CA GLU B 206 -32.35 2.94 -7.96
C GLU B 206 -31.11 2.48 -8.73
N ARG B 207 -30.92 2.97 -9.96
CA ARG B 207 -29.74 2.63 -10.79
C ARG B 207 -28.47 3.14 -10.08
N THR B 208 -28.53 4.34 -9.51
CA THR B 208 -27.42 4.97 -8.76
C THR B 208 -27.03 4.08 -7.57
N ARG B 209 -28.01 3.69 -6.77
CA ARG B 209 -27.78 2.88 -5.56
C ARG B 209 -27.21 1.51 -5.94
N ARG B 210 -27.73 0.85 -7.00
CA ARG B 210 -27.28 -0.50 -7.45
C ARG B 210 -25.81 -0.40 -7.90
N ASP B 211 -25.46 0.66 -8.63
CA ASP B 211 -24.06 0.87 -9.11
C ASP B 211 -23.14 1.04 -7.90
N MET B 212 -23.56 1.81 -6.88
CA MET B 212 -22.76 1.98 -5.63
C MET B 212 -22.63 0.65 -4.91
N GLU B 213 -23.73 -0.07 -4.71
CA GLU B 213 -23.70 -1.39 -4.04
C GLU B 213 -22.73 -2.32 -4.77
N ASP B 214 -22.77 -2.34 -6.10
CA ASP B 214 -22.03 -3.34 -6.93
C ASP B 214 -20.50 -3.15 -6.76
N LEU B 215 -20.02 -1.97 -6.36
CA LEU B 215 -18.58 -1.69 -6.13
C LEU B 215 -18.04 -2.44 -4.90
N HIS B 216 -18.91 -2.91 -3.98
CA HIS B 216 -18.54 -3.57 -2.71
C HIS B 216 -18.72 -5.08 -2.84
N ALA B 217 -17.77 -5.84 -2.32
CA ALA B 217 -17.84 -7.33 -2.26
C ALA B 217 -19.18 -7.74 -1.67
N LEU B 218 -19.67 -7.02 -0.66
CA LEU B 218 -20.92 -7.34 0.08
C LEU B 218 -22.13 -6.81 -0.68
N ARG B 219 -21.94 -6.09 -1.79
CA ARG B 219 -23.06 -5.66 -2.68
C ARG B 219 -24.15 -4.98 -1.83
N ARG B 220 -23.76 -4.06 -0.96
CA ARG B 220 -24.70 -3.20 -0.19
C ARG B 220 -23.93 -2.00 0.35
N LEU B 221 -24.64 -0.94 0.71
CA LEU B 221 -24.08 0.23 1.42
C LEU B 221 -23.74 -0.18 2.86
N GLY B 222 -22.74 0.48 3.43
CA GLY B 222 -22.49 0.40 4.88
C GLY B 222 -23.53 1.15 5.69
N LYS B 223 -23.66 0.81 6.98
CA LYS B 223 -24.47 1.57 7.95
C LYS B 223 -23.52 2.38 8.83
N PRO B 224 -23.88 3.63 9.19
CA PRO B 224 -23.09 4.42 10.15
C PRO B 224 -22.70 3.63 11.40
N GLU B 225 -23.62 2.78 11.89
CA GLU B 225 -23.41 1.90 13.07
C GLU B 225 -22.14 1.06 12.87
N GLU B 226 -21.92 0.54 11.65
CA GLU B 226 -20.84 -0.42 11.34
C GLU B 226 -19.49 0.30 11.35
N VAL B 227 -19.47 1.57 10.97
CA VAL B 227 -18.25 2.41 11.09
C VAL B 227 -17.94 2.66 12.57
N ALA B 228 -18.97 2.95 13.35
CA ALA B 228 -18.82 3.28 14.79
C ALA B 228 -18.24 2.07 15.53
N GLU B 229 -18.62 0.86 15.15
CA GLU B 229 -18.13 -0.38 15.82
C GLU B 229 -16.62 -0.46 15.66
N ALA B 230 -16.11 -0.19 14.45
CA ALA B 230 -14.65 -0.16 14.17
C ALA B 230 -14.00 0.91 15.06
N VAL B 231 -14.61 2.11 15.15
CA VAL B 231 -14.09 3.27 15.94
C VAL B 231 -14.00 2.86 17.42
N LEU B 232 -15.08 2.33 18.00
CA LEU B 232 -15.07 1.81 19.39
C LEU B 232 -13.94 0.79 19.55
N PHE B 233 -13.80 -0.16 18.61
CA PHE B 233 -12.77 -1.22 18.76
C PHE B 233 -11.40 -0.54 18.87
N LEU B 234 -11.12 0.37 17.94
CA LEU B 234 -9.78 0.99 17.81
C LEU B 234 -9.51 1.95 18.97
N ALA B 235 -10.55 2.53 19.59
CA ALA B 235 -10.42 3.43 20.77
C ALA B 235 -10.27 2.63 22.08
N SER B 236 -10.57 1.33 22.04
CA SER B 236 -10.71 0.44 23.23
C SER B 236 -9.34 -0.16 23.56
N GLU B 237 -9.16 -0.68 24.77
CA GLU B 237 -7.90 -1.32 25.22
C GLU B 237 -7.77 -2.71 24.57
N LYS B 238 -8.82 -3.24 23.94
CA LYS B 238 -8.74 -4.48 23.10
C LYS B 238 -7.73 -4.28 21.96
N ALA B 239 -7.56 -3.03 21.51
CA ALA B 239 -6.66 -2.60 20.42
C ALA B 239 -5.32 -2.09 20.96
N SER B 240 -4.84 -2.63 22.10
CA SER B 240 -3.74 -2.03 22.90
C SER B 240 -2.41 -2.12 22.16
N PHE B 241 -2.27 -3.05 21.20
CA PHE B 241 -1.07 -3.14 20.33
C PHE B 241 -1.38 -2.75 18.88
N ILE B 242 -2.43 -1.95 18.66
CA ILE B 242 -2.71 -1.38 17.31
C ILE B 242 -2.49 0.14 17.38
N THR B 243 -1.48 0.65 16.69
CA THR B 243 -1.29 2.12 16.50
C THR B 243 -0.69 2.34 15.11
N GLY B 244 -1.06 3.40 14.42
CA GLY B 244 -0.51 3.74 13.09
C GLY B 244 -1.25 3.06 11.94
N ALA B 245 -2.30 2.32 12.26
CA ALA B 245 -3.07 1.47 11.33
C ALA B 245 -4.13 2.31 10.62
N ILE B 246 -4.34 2.02 9.33
CA ILE B 246 -5.52 2.52 8.57
C ILE B 246 -6.44 1.33 8.27
N LEU B 247 -7.60 1.25 8.92
CA LEU B 247 -8.53 0.10 8.84
C LEU B 247 -9.67 0.43 7.89
N PRO B 248 -9.75 -0.24 6.72
CA PRO B 248 -10.87 -0.04 5.80
C PRO B 248 -12.15 -0.63 6.40
N VAL B 249 -13.23 0.14 6.28
CA VAL B 249 -14.59 -0.32 6.66
C VAL B 249 -15.45 -0.07 5.43
N ASP B 250 -15.28 -0.94 4.41
CA ASP B 250 -15.71 -0.66 3.02
C ASP B 250 -16.35 -1.89 2.35
N GLY B 251 -16.72 -2.91 3.13
CA GLY B 251 -17.34 -4.13 2.57
C GLY B 251 -16.63 -4.68 1.34
N GLY B 252 -15.29 -4.61 1.32
CA GLY B 252 -14.49 -5.19 0.22
C GLY B 252 -14.21 -4.25 -0.95
N LEU B 253 -14.65 -3.00 -0.89
CA LEU B 253 -14.55 -2.00 -1.99
C LEU B 253 -13.11 -1.90 -2.49
N THR B 254 -12.13 -1.77 -1.60
CA THR B 254 -10.72 -1.49 -1.95
C THR B 254 -9.93 -2.78 -2.21
N ALA B 255 -10.57 -3.95 -2.10
CA ALA B 255 -9.92 -5.24 -2.38
C ALA B 255 -10.04 -5.62 -3.87
N SER B 256 -10.85 -4.95 -4.71
CA SER B 256 -11.21 -5.44 -6.09
C SER B 256 -11.49 -4.33 -7.10
N PHE B 257 -11.75 -4.76 -8.38
CA PHE B 257 -12.25 -3.95 -9.55
C PHE B 257 -13.36 -4.69 -10.31
N MET C 9 19.87 14.98 -31.21
CA MET C 9 19.04 16.12 -30.69
C MET C 9 18.53 15.81 -29.26
N GLY C 10 17.98 14.61 -29.05
CA GLY C 10 17.69 14.03 -27.71
C GLY C 10 16.22 13.75 -27.44
N LEU C 11 15.88 13.28 -26.24
CA LEU C 11 14.55 12.68 -25.91
C LEU C 11 13.50 13.78 -25.64
N PHE C 12 13.93 14.97 -25.21
CA PHE C 12 13.05 16.12 -24.85
C PHE C 12 13.40 17.32 -25.74
N ALA C 13 13.84 17.03 -26.96
CA ALA C 13 14.30 18.00 -27.96
C ALA C 13 13.16 18.98 -28.28
N GLY C 14 13.35 20.26 -27.91
CA GLY C 14 12.43 21.38 -28.24
C GLY C 14 11.22 21.44 -27.33
N LYS C 15 11.25 20.67 -26.25
CA LYS C 15 10.13 20.60 -25.27
C LYS C 15 10.40 21.64 -24.19
N GLY C 16 9.33 22.32 -23.76
CA GLY C 16 9.37 23.26 -22.64
C GLY C 16 9.13 22.53 -21.33
N VAL C 17 10.09 22.65 -20.39
CA VAL C 17 10.09 21.92 -19.10
C VAL C 17 10.20 22.94 -17.95
N LEU C 18 9.19 23.01 -17.10
CA LEU C 18 9.21 23.81 -15.86
C LEU C 18 9.69 22.91 -14.71
N VAL C 19 10.57 23.43 -13.87
CA VAL C 19 11.18 22.75 -12.69
C VAL C 19 11.19 23.75 -11.53
N THR C 20 10.57 23.45 -10.41
CA THR C 20 10.60 24.25 -9.16
C THR C 20 11.79 23.79 -8.31
N GLY C 21 12.33 24.65 -7.47
CA GLY C 21 13.48 24.34 -6.61
C GLY C 21 14.68 23.88 -7.42
N GLY C 22 14.96 24.53 -8.54
CA GLY C 22 16.00 24.11 -9.50
C GLY C 22 17.42 24.56 -9.17
N ALA C 23 17.64 25.35 -8.12
CA ALA C 23 18.97 25.95 -7.81
C ALA C 23 19.93 24.88 -7.32
N ARG C 24 19.50 24.02 -6.41
CA ARG C 24 20.39 22.99 -5.80
C ARG C 24 19.68 21.63 -5.84
N GLY C 25 20.41 20.60 -5.42
CA GLY C 25 19.93 19.24 -5.11
C GLY C 25 19.28 18.57 -6.30
N ILE C 26 18.15 17.93 -6.03
CA ILE C 26 17.40 17.08 -7.01
C ILE C 26 16.92 17.99 -8.15
N GLY C 27 16.38 19.16 -7.81
CA GLY C 27 15.91 20.17 -8.77
C GLY C 27 16.99 20.52 -9.79
N ARG C 28 18.21 20.84 -9.33
CA ARG C 28 19.34 21.17 -10.22
C ARG C 28 19.61 19.97 -11.12
N ALA C 29 19.72 18.78 -10.53
CA ALA C 29 20.03 17.54 -11.25
C ALA C 29 18.96 17.30 -12.34
N ILE C 30 17.69 17.60 -12.02
CA ILE C 30 16.54 17.41 -12.98
C ILE C 30 16.67 18.42 -14.12
N ALA C 31 16.82 19.71 -13.83
CA ALA C 31 17.06 20.78 -14.83
C ALA C 31 18.24 20.39 -15.73
N GLN C 32 19.36 19.94 -15.15
CA GLN C 32 20.55 19.49 -15.93
C GLN C 32 20.18 18.32 -16.85
N ALA C 33 19.47 17.32 -16.32
CA ALA C 33 19.13 16.09 -17.04
C ALA C 33 18.25 16.45 -18.25
N PHE C 34 17.25 17.32 -18.07
CA PHE C 34 16.30 17.67 -19.16
C PHE C 34 17.06 18.43 -20.26
N ALA C 35 17.89 19.41 -19.87
CA ALA C 35 18.71 20.20 -20.80
C ALA C 35 19.59 19.25 -21.61
N ARG C 36 20.29 18.32 -20.96
CA ARG C 36 21.15 17.31 -21.61
C ARG C 36 20.37 16.58 -22.71
N GLU C 37 19.05 16.37 -22.57
CA GLU C 37 18.19 15.69 -23.59
C GLU C 37 17.48 16.72 -24.48
N GLY C 38 17.97 17.96 -24.50
CA GLY C 38 17.60 19.00 -25.48
C GLY C 38 16.31 19.69 -25.10
N ALA C 39 16.00 19.80 -23.81
CA ALA C 39 14.79 20.49 -23.33
C ALA C 39 15.09 21.98 -23.19
N LEU C 40 14.09 22.82 -23.47
CA LEU C 40 14.07 24.25 -23.08
C LEU C 40 13.60 24.29 -21.64
N VAL C 41 14.51 24.48 -20.69
CA VAL C 41 14.21 24.37 -19.23
C VAL C 41 14.02 25.77 -18.67
N ALA C 42 12.84 26.04 -18.08
CA ALA C 42 12.61 27.15 -17.15
C ALA C 42 12.63 26.62 -15.71
N LEU C 43 13.54 27.10 -14.88
CA LEU C 43 13.61 26.71 -13.45
C LEU C 43 13.41 27.94 -12.57
N CYS C 44 12.72 27.76 -11.44
CA CYS C 44 12.52 28.78 -10.38
C CYS C 44 13.12 28.29 -9.06
N ASP C 45 13.37 29.22 -8.15
CA ASP C 45 13.94 28.99 -6.80
C ASP C 45 13.88 30.34 -6.08
N LEU C 46 13.95 30.31 -4.76
CA LEU C 46 14.12 31.52 -3.92
C LEU C 46 15.54 32.02 -4.15
N ARG C 47 16.49 31.08 -4.17
CA ARG C 47 17.96 31.32 -4.15
C ARG C 47 18.38 31.93 -5.48
N PRO C 48 19.14 33.07 -5.48
CA PRO C 48 19.49 33.78 -6.70
C PRO C 48 20.54 33.01 -7.52
N GLU C 49 21.28 32.12 -6.88
CA GLU C 49 22.29 31.23 -7.53
C GLU C 49 21.62 30.38 -8.62
N GLY C 50 20.29 30.25 -8.60
CA GLY C 50 19.51 29.61 -9.68
C GLY C 50 19.89 30.16 -11.04
N LYS C 51 20.19 31.46 -11.12
CA LYS C 51 20.68 32.16 -12.34
C LYS C 51 21.80 31.34 -13.00
N GLU C 52 22.77 30.86 -12.22
CA GLU C 52 24.03 30.24 -12.74
C GLU C 52 23.74 28.82 -13.23
N VAL C 53 22.70 28.18 -12.71
CA VAL C 53 22.26 26.82 -13.13
C VAL C 53 21.62 26.94 -14.51
N ALA C 54 20.79 27.97 -14.72
CA ALA C 54 20.06 28.23 -15.99
C ALA C 54 21.06 28.62 -17.08
N GLU C 55 21.96 29.56 -16.75
CA GLU C 55 23.07 29.96 -17.65
C GLU C 55 23.79 28.69 -18.11
N ALA C 56 24.27 27.88 -17.16
CA ALA C 56 25.09 26.66 -17.38
C ALA C 56 24.43 25.66 -18.32
N ILE C 57 23.08 25.61 -18.41
CA ILE C 57 22.36 24.58 -19.23
C ILE C 57 21.63 25.24 -20.41
N GLY C 58 21.67 26.56 -20.51
CA GLY C 58 21.07 27.28 -21.65
C GLY C 58 19.57 27.39 -21.48
N GLY C 59 19.11 27.70 -20.27
CA GLY C 59 17.69 27.81 -19.93
C GLY C 59 17.39 29.10 -19.22
N ALA C 60 16.13 29.29 -18.81
CA ALA C 60 15.57 30.51 -18.16
C ALA C 60 15.53 30.32 -16.63
N PHE C 61 15.83 31.36 -15.87
CA PHE C 61 15.69 31.41 -14.38
C PHE C 61 14.63 32.43 -13.99
N PHE C 62 13.91 32.14 -12.92
CA PHE C 62 12.89 33.02 -12.31
C PHE C 62 13.04 32.89 -10.79
N GLN C 63 13.27 34.00 -10.10
CA GLN C 63 13.25 34.04 -8.62
C GLN C 63 11.79 34.09 -8.20
N VAL C 64 11.30 33.02 -7.56
CA VAL C 64 9.87 32.84 -7.20
C VAL C 64 9.80 32.42 -5.73
N ASP C 65 8.81 32.92 -5.00
CA ASP C 65 8.38 32.40 -3.68
C ASP C 65 7.02 31.72 -3.88
N LEU C 66 7.06 30.39 -3.91
CA LEU C 66 5.91 29.50 -4.28
C LEU C 66 4.80 29.60 -3.23
N GLU C 67 5.11 30.16 -2.05
CA GLU C 67 4.10 30.43 -0.99
C GLU C 67 3.05 31.42 -1.49
N ASP C 68 3.38 32.25 -2.49
CA ASP C 68 2.56 33.39 -2.97
C ASP C 68 1.80 32.97 -4.23
N GLU C 69 0.47 32.88 -4.19
CA GLU C 69 -0.33 32.43 -5.35
C GLU C 69 -0.12 33.36 -6.55
N ARG C 70 0.14 34.65 -6.35
CA ARG C 70 0.40 35.59 -7.48
C ARG C 70 1.76 35.26 -8.10
N GLU C 71 2.79 35.04 -7.29
CA GLU C 71 4.14 34.68 -7.78
C GLU C 71 4.10 33.37 -8.59
N ARG C 72 3.10 32.50 -8.36
CA ARG C 72 2.96 31.19 -9.06
C ARG C 72 2.29 31.39 -10.43
N VAL C 73 1.22 32.19 -10.50
CA VAL C 73 0.59 32.61 -11.81
C VAL C 73 1.67 33.27 -12.67
N ARG C 74 2.44 34.19 -12.07
CA ARG C 74 3.53 34.94 -12.72
C ARG C 74 4.50 33.92 -13.34
N PHE C 75 5.09 33.05 -12.51
CA PHE C 75 6.13 32.07 -12.93
C PHE C 75 5.68 31.30 -14.19
N VAL C 76 4.43 30.83 -14.26
CA VAL C 76 3.99 29.92 -15.35
C VAL C 76 3.84 30.73 -16.65
N GLU C 77 3.16 31.88 -16.57
CA GLU C 77 2.97 32.81 -17.73
C GLU C 77 4.33 33.20 -18.31
N GLU C 78 5.26 33.69 -17.50
CA GLU C 78 6.60 34.15 -17.94
C GLU C 78 7.43 32.99 -18.52
N ALA C 79 7.42 31.82 -17.88
CA ALA C 79 8.10 30.59 -18.36
C ALA C 79 7.50 30.18 -19.72
N ALA C 80 6.18 30.07 -19.83
CA ALA C 80 5.50 29.73 -21.11
C ALA C 80 5.93 30.72 -22.20
N TYR C 81 6.00 32.01 -21.88
CA TYR C 81 6.44 33.11 -22.79
C TYR C 81 7.88 32.82 -23.20
N ALA C 82 8.80 32.76 -22.23
CA ALA C 82 10.24 32.52 -22.45
C ALA C 82 10.48 31.29 -23.35
N LEU C 83 9.77 30.16 -23.14
CA LEU C 83 10.09 28.87 -23.83
C LEU C 83 9.23 28.74 -25.10
N GLY C 84 8.10 29.45 -25.16
CA GLY C 84 7.16 29.39 -26.29
C GLY C 84 6.20 28.22 -26.22
N ARG C 85 6.47 27.23 -25.38
CA ARG C 85 5.54 26.10 -25.10
C ARG C 85 5.82 25.52 -23.72
N VAL C 86 4.82 24.80 -23.19
CA VAL C 86 4.94 23.97 -21.96
C VAL C 86 4.49 22.55 -22.27
N ASP C 87 5.37 21.58 -22.00
CA ASP C 87 5.15 20.12 -22.22
C ASP C 87 5.24 19.35 -20.88
N VAL C 88 6.07 19.81 -19.93
CA VAL C 88 6.39 19.06 -18.69
C VAL C 88 6.48 20.05 -17.53
N LEU C 89 5.83 19.75 -16.42
CA LEU C 89 6.08 20.40 -15.11
C LEU C 89 6.63 19.38 -14.10
N VAL C 90 7.65 19.80 -13.36
CA VAL C 90 8.19 19.05 -12.20
C VAL C 90 7.97 19.86 -10.92
N ASN C 91 7.11 19.36 -10.04
CA ASN C 91 6.92 19.96 -8.71
C ASN C 91 7.95 19.35 -7.77
N ASN C 92 9.08 20.02 -7.61
CA ASN C 92 10.18 19.47 -6.79
C ASN C 92 10.37 20.29 -5.51
N ALA C 93 10.10 21.59 -5.51
CA ALA C 93 10.41 22.49 -4.36
C ALA C 93 9.59 22.05 -3.16
N ALA C 94 10.19 21.95 -1.97
CA ALA C 94 9.47 21.60 -0.72
C ALA C 94 10.17 22.20 0.49
N ILE C 95 9.44 22.50 1.54
CA ILE C 95 9.99 22.96 2.85
C ILE C 95 9.54 21.99 3.93
N ALA C 96 10.12 22.06 5.12
CA ALA C 96 9.65 21.37 6.34
C ALA C 96 9.54 22.38 7.48
N ALA C 97 8.87 21.98 8.56
CA ALA C 97 8.76 22.65 9.86
C ALA C 97 8.98 21.58 10.91
N PRO C 98 10.17 21.53 11.53
CA PRO C 98 10.44 20.60 12.62
C PRO C 98 9.37 20.61 13.70
N GLY C 99 9.07 19.43 14.25
CA GLY C 99 8.11 19.26 15.35
C GLY C 99 7.00 18.26 15.07
N SER C 100 6.62 17.53 16.14
CA SER C 100 5.40 16.72 16.30
C SER C 100 4.18 17.64 16.19
N ALA C 101 2.97 17.10 16.29
CA ALA C 101 1.74 17.93 16.31
C ALA C 101 1.73 18.75 17.61
N LEU C 102 2.37 18.22 18.66
CA LEU C 102 2.46 18.89 19.99
C LEU C 102 3.28 20.18 19.89
N THR C 103 4.33 20.18 19.09
CA THR C 103 5.50 21.09 19.16
C THR C 103 5.49 22.06 17.96
N VAL C 104 4.83 21.71 16.85
CA VAL C 104 4.81 22.55 15.62
C VAL C 104 3.84 23.72 15.85
N ARG C 105 4.18 24.88 15.30
CA ARG C 105 3.38 26.12 15.34
C ARG C 105 2.46 26.13 14.12
N LEU C 106 1.19 26.50 14.28
CA LEU C 106 0.16 26.48 13.23
C LEU C 106 0.60 27.28 12.00
N PRO C 107 1.07 28.54 12.10
CA PRO C 107 1.46 29.28 10.90
C PRO C 107 2.59 28.56 10.10
N GLU C 108 3.52 27.90 10.79
CA GLU C 108 4.61 27.10 10.17
C GLU C 108 4.00 25.91 9.38
N TRP C 109 3.13 25.14 10.03
CA TRP C 109 2.34 24.04 9.44
C TRP C 109 1.62 24.54 8.18
N ARG C 110 0.89 25.64 8.25
CA ARG C 110 0.08 26.19 7.13
C ARG C 110 1.00 26.55 5.96
N ARG C 111 2.23 27.02 6.23
CA ARG C 111 3.22 27.47 5.22
C ARG C 111 3.70 26.23 4.46
N VAL C 112 4.11 25.19 5.20
CA VAL C 112 4.52 23.88 4.65
C VAL C 112 3.42 23.31 3.74
N LEU C 113 2.15 23.37 4.13
CA LEU C 113 1.03 22.85 3.31
C LEU C 113 0.92 23.68 2.02
N GLU C 114 1.12 24.98 2.10
CA GLU C 114 0.92 25.94 0.98
C GLU C 114 1.93 25.60 -0.12
N VAL C 115 3.21 25.44 0.28
CA VAL C 115 4.37 25.21 -0.61
C VAL C 115 4.32 23.75 -1.11
N ASN C 116 4.08 22.79 -0.22
CA ASN C 116 4.31 21.36 -0.49
C ASN C 116 3.10 20.76 -1.16
N LEU C 117 1.92 21.31 -0.92
CA LEU C 117 0.64 20.66 -1.37
C LEU C 117 -0.20 21.62 -2.21
N THR C 118 -0.47 22.84 -1.74
CA THR C 118 -1.30 23.82 -2.49
C THR C 118 -0.55 24.27 -3.75
N ALA C 119 0.73 24.63 -3.65
CA ALA C 119 1.53 25.13 -4.79
C ALA C 119 1.58 24.10 -5.91
N PRO C 120 1.92 22.83 -5.66
CA PRO C 120 1.88 21.80 -6.71
C PRO C 120 0.52 21.64 -7.40
N MET C 121 -0.58 21.74 -6.65
CA MET C 121 -1.97 21.70 -7.19
C MET C 121 -2.16 22.90 -8.12
N HIS C 122 -1.87 24.10 -7.59
CA HIS C 122 -2.04 25.38 -8.33
C HIS C 122 -1.26 25.29 -9.65
N LEU C 123 0.06 25.07 -9.54
CA LEU C 123 1.00 25.03 -10.69
C LEU C 123 0.59 23.98 -11.72
N SER C 124 0.02 22.84 -11.29
CA SER C 124 -0.42 21.75 -12.19
C SER C 124 -1.59 22.25 -13.05
N ALA C 125 -2.55 22.94 -12.42
CA ALA C 125 -3.70 23.61 -13.07
C ALA C 125 -3.20 24.66 -14.07
N LEU C 126 -2.26 25.54 -13.68
CA LEU C 126 -1.71 26.60 -14.57
C LEU C 126 -1.00 25.96 -15.77
N ALA C 127 -0.08 25.03 -15.51
CA ALA C 127 0.74 24.36 -16.55
C ALA C 127 -0.17 23.55 -17.47
N ALA C 128 -1.24 22.95 -16.94
CA ALA C 128 -2.14 22.07 -17.73
C ALA C 128 -2.78 22.89 -18.85
N ARG C 129 -3.15 24.15 -18.56
CA ARG C 129 -3.86 25.03 -19.52
C ARG C 129 -2.94 25.35 -20.70
N GLU C 130 -1.63 25.44 -20.47
CA GLU C 130 -0.58 25.61 -21.51
C GLU C 130 -0.32 24.29 -22.28
N MET C 131 -0.47 23.13 -21.66
CA MET C 131 -0.12 21.81 -22.26
C MET C 131 -1.16 21.38 -23.30
N ARG C 132 -2.37 21.94 -23.20
CA ARG C 132 -3.48 21.70 -24.15
C ARG C 132 -2.96 21.90 -25.58
N LYS C 133 -2.28 23.02 -25.84
CA LYS C 133 -1.88 23.43 -27.21
C LYS C 133 -1.25 22.22 -27.90
N PRO C 134 0.06 21.91 -27.74
CA PRO C 134 0.68 20.86 -28.57
C PRO C 134 0.13 19.47 -28.21
N GLY C 135 0.83 18.41 -28.65
CA GLY C 135 0.54 17.02 -28.28
C GLY C 135 0.60 16.81 -26.76
N PRO C 136 1.04 15.61 -26.30
CA PRO C 136 0.82 15.20 -24.92
C PRO C 136 1.73 15.91 -23.90
N GLY C 137 1.32 15.94 -22.64
CA GLY C 137 2.05 16.57 -21.52
C GLY C 137 2.27 15.62 -20.37
N ALA C 138 3.08 16.03 -19.41
CA ALA C 138 3.42 15.17 -18.24
C ALA C 138 3.78 16.05 -17.04
N ILE C 139 3.35 15.62 -15.86
CA ILE C 139 3.73 16.24 -14.57
C ILE C 139 4.39 15.16 -13.72
N VAL C 140 5.48 15.50 -13.06
CA VAL C 140 6.15 14.60 -12.10
C VAL C 140 6.27 15.34 -10.79
N ASN C 141 5.74 14.77 -9.72
CA ASN C 141 5.83 15.32 -8.35
C ASN C 141 6.93 14.59 -7.59
N VAL C 142 7.84 15.35 -6.98
CA VAL C 142 8.92 14.77 -6.15
C VAL C 142 8.44 14.74 -4.70
N ALA C 143 8.04 13.57 -4.22
CA ALA C 143 7.62 13.35 -2.82
C ALA C 143 8.86 13.00 -1.99
N SER C 144 8.86 11.78 -1.46
CA SER C 144 9.75 11.25 -0.39
C SER C 144 9.11 9.97 0.17
N TYR C 145 9.92 8.99 0.59
CA TYR C 145 9.47 7.86 1.44
C TYR C 145 8.62 8.40 2.61
N LEU C 146 8.82 9.67 3.03
CA LEU C 146 8.13 10.34 4.17
C LEU C 146 6.74 10.89 3.76
N GLY C 147 6.26 10.59 2.53
CA GLY C 147 4.84 10.63 2.12
C GLY C 147 4.08 9.31 2.34
N LEU C 148 4.76 8.16 2.40
CA LEU C 148 4.13 6.81 2.49
C LEU C 148 4.26 6.29 3.95
N PHE C 149 5.15 6.91 4.74
CA PHE C 149 5.48 6.58 6.16
C PHE C 149 5.71 7.89 6.92
N ALA C 150 5.97 7.78 8.22
CA ALA C 150 6.28 8.92 9.11
C ALA C 150 7.69 8.75 9.69
N GLU C 151 8.27 9.87 10.13
CA GLU C 151 9.39 9.92 11.11
C GLU C 151 8.96 10.82 12.26
N GLN C 152 9.67 10.71 13.38
CA GLN C 152 9.41 11.51 14.61
C GLN C 152 9.62 12.99 14.28
N GLU C 153 8.80 13.86 14.85
CA GLU C 153 9.07 15.31 14.93
C GLU C 153 9.09 15.90 13.50
N ASN C 154 8.20 15.43 12.61
CA ASN C 154 8.16 15.96 11.23
C ASN C 154 6.72 15.97 10.66
N ALA C 155 5.73 16.27 11.50
CA ALA C 155 4.30 16.14 11.17
C ALA C 155 3.94 16.92 9.90
N ALA C 156 4.44 18.13 9.70
CA ALA C 156 3.97 18.98 8.58
C ALA C 156 4.41 18.35 7.26
N TYR C 157 5.68 17.92 7.17
CA TYR C 157 6.26 17.24 5.98
C TYR C 157 5.52 15.91 5.74
N ASN C 158 5.36 15.07 6.76
CA ASN C 158 4.64 13.78 6.61
C ASN C 158 3.25 14.06 6.03
N ALA C 159 2.51 15.00 6.60
CA ALA C 159 1.12 15.27 6.19
C ALA C 159 1.09 15.79 4.74
N SER C 160 2.01 16.70 4.40
CA SER C 160 1.97 17.41 3.09
C SER C 160 2.35 16.39 2.00
N LYS C 161 3.30 15.52 2.29
CA LYS C 161 3.74 14.49 1.31
C LYS C 161 2.67 13.41 1.16
N GLY C 162 1.97 13.06 2.22
CA GLY C 162 0.78 12.18 2.14
C GLY C 162 -0.24 12.75 1.17
N GLY C 163 -0.52 14.04 1.28
CA GLY C 163 -1.42 14.82 0.40
C GLY C 163 -0.87 14.84 -1.00
N LEU C 164 0.43 15.06 -1.18
CA LEU C 164 1.06 15.14 -2.52
C LEU C 164 0.86 13.80 -3.25
N VAL C 165 0.98 12.70 -2.51
CA VAL C 165 0.85 11.34 -3.10
C VAL C 165 -0.58 11.22 -3.60
N ASN C 166 -1.56 11.57 -2.79
CA ASN C 166 -2.96 11.33 -3.23
C ASN C 166 -3.34 12.43 -4.24
N LEU C 167 -2.72 13.61 -4.20
CA LEU C 167 -2.96 14.65 -5.23
C LEU C 167 -2.47 14.11 -6.58
N THR C 168 -1.33 13.42 -6.61
CA THR C 168 -0.78 12.80 -7.84
C THR C 168 -1.85 11.91 -8.47
N ARG C 169 -2.52 11.09 -7.68
CA ARG C 169 -3.54 10.15 -8.21
C ARG C 169 -4.73 10.95 -8.72
N SER C 170 -5.17 11.96 -7.96
CA SER C 170 -6.30 12.85 -8.29
C SER C 170 -6.05 13.53 -9.64
N LEU C 171 -4.89 14.18 -9.78
CA LEU C 171 -4.45 14.87 -11.02
C LEU C 171 -4.38 13.85 -12.19
N ALA C 172 -4.01 12.60 -11.92
CA ALA C 172 -3.88 11.58 -12.99
C ALA C 172 -5.27 11.30 -13.57
N LEU C 173 -6.25 11.06 -12.70
CA LEU C 173 -7.66 10.87 -13.13
C LEU C 173 -8.15 12.11 -13.84
N ASP C 174 -8.01 13.28 -13.22
CA ASP C 174 -8.66 14.52 -13.70
C ASP C 174 -8.04 14.96 -15.05
N LEU C 175 -6.73 14.83 -15.25
CA LEU C 175 -6.00 15.36 -16.43
C LEU C 175 -5.79 14.32 -17.52
N ALA C 176 -6.13 13.03 -17.32
CA ALA C 176 -5.98 11.99 -18.37
C ALA C 176 -6.75 12.42 -19.63
N PRO C 177 -8.00 12.93 -19.50
CA PRO C 177 -8.76 13.41 -20.66
C PRO C 177 -8.02 14.43 -21.54
N LEU C 178 -7.14 15.25 -20.95
CA LEU C 178 -6.32 16.29 -21.65
C LEU C 178 -4.99 15.71 -22.13
N ARG C 179 -4.83 14.38 -22.14
CA ARG C 179 -3.59 13.68 -22.60
C ARG C 179 -2.39 14.11 -21.75
N ILE C 180 -2.60 14.31 -20.45
CA ILE C 180 -1.55 14.65 -19.46
C ILE C 180 -1.39 13.48 -18.46
N ARG C 181 -0.19 12.92 -18.37
CA ARG C 181 0.14 11.84 -17.42
C ARG C 181 0.70 12.48 -16.14
N VAL C 182 0.37 11.96 -14.97
CA VAL C 182 0.87 12.53 -13.69
C VAL C 182 1.32 11.40 -12.79
N ASN C 183 2.60 11.45 -12.40
CA ASN C 183 3.26 10.41 -11.56
C ASN C 183 4.08 11.12 -10.50
N ALA C 184 4.52 10.40 -9.48
CA ALA C 184 5.43 10.93 -8.45
C ALA C 184 6.63 10.00 -8.34
N VAL C 185 7.77 10.55 -7.93
CA VAL C 185 8.90 9.76 -7.36
C VAL C 185 8.92 9.95 -5.85
N ALA C 186 9.29 8.90 -5.12
CA ALA C 186 9.44 8.91 -3.65
C ALA C 186 10.87 8.54 -3.31
N PRO C 187 11.78 9.54 -3.28
CA PRO C 187 13.19 9.30 -2.98
C PRO C 187 13.44 8.81 -1.55
N GLY C 188 14.50 8.01 -1.40
CA GLY C 188 15.11 7.66 -0.11
C GLY C 188 15.96 8.82 0.37
N PHE C 189 17.02 8.56 1.13
CA PHE C 189 18.00 9.57 1.55
C PHE C 189 18.86 9.86 0.33
N ILE C 190 18.88 11.12 -0.13
CA ILE C 190 19.68 11.55 -1.31
C ILE C 190 20.80 12.46 -0.81
N ALA C 191 22.04 12.19 -1.25
CA ALA C 191 23.24 12.96 -0.87
C ALA C 191 23.26 14.30 -1.59
N THR C 192 22.36 15.20 -1.19
CA THR C 192 22.33 16.64 -1.59
C THR C 192 23.26 17.41 -0.66
N GLU C 193 23.58 18.66 -1.00
CA GLU C 193 24.40 19.56 -0.14
C GLU C 193 23.79 19.63 1.28
N ALA C 194 22.45 19.76 1.37
CA ALA C 194 21.74 19.91 2.65
C ALA C 194 21.93 18.69 3.54
N LEU C 195 21.79 17.48 2.98
CA LEU C 195 21.95 16.21 3.76
C LEU C 195 23.41 16.06 4.18
N LEU C 196 24.35 16.42 3.30
CA LEU C 196 25.79 16.35 3.62
C LEU C 196 26.14 17.35 4.73
N GLU C 197 25.53 18.55 4.72
CA GLU C 197 25.75 19.55 5.80
C GLU C 197 25.25 18.96 7.12
N LEU C 198 24.07 18.35 7.12
CA LEU C 198 23.41 17.75 8.32
C LEU C 198 24.30 16.65 8.91
N ILE C 199 24.79 15.75 8.06
CA ILE C 199 25.73 14.66 8.46
C ILE C 199 26.98 15.31 9.07
N ALA C 200 27.60 16.25 8.33
CA ALA C 200 28.87 16.92 8.70
C ALA C 200 28.77 17.57 10.10
N LEU C 201 27.60 18.09 10.47
CA LEU C 201 27.41 18.90 11.71
C LEU C 201 26.90 18.03 12.85
N SER C 202 26.63 16.75 12.60
CA SER C 202 26.29 15.78 13.66
C SER C 202 27.53 15.50 14.50
N PRO C 203 27.38 15.00 15.74
CA PRO C 203 28.54 14.71 16.60
C PRO C 203 29.53 13.70 16.01
N ASP C 204 29.03 12.58 15.47
CA ASP C 204 29.84 11.49 14.87
C ASP C 204 29.41 11.34 13.40
N PRO C 205 29.90 12.22 12.49
CA PRO C 205 29.43 12.25 11.11
C PRO C 205 29.41 10.90 10.38
N GLU C 206 30.42 10.06 10.60
CA GLU C 206 30.52 8.75 9.89
C GLU C 206 29.47 7.80 10.43
N ARG C 207 29.24 7.79 11.74
CA ARG C 207 28.21 6.91 12.37
C ARG C 207 26.82 7.31 11.83
N THR C 208 26.58 8.62 11.70
CA THR C 208 25.32 9.19 11.16
C THR C 208 25.10 8.68 9.74
N ARG C 209 26.10 8.83 8.89
CA ARG C 209 26.01 8.43 7.46
C ARG C 209 25.81 6.91 7.35
N ARG C 210 26.52 6.10 8.14
CA ARG C 210 26.44 4.61 8.14
C ARG C 210 25.02 4.20 8.53
N ASP C 211 24.44 4.82 9.55
CA ASP C 211 23.06 4.53 10.01
C ASP C 211 22.07 4.84 8.88
N MET C 212 22.24 5.97 8.19
CA MET C 212 21.38 6.35 7.04
C MET C 212 21.55 5.32 5.89
N GLU C 213 22.79 5.01 5.53
CA GLU C 213 23.09 4.02 4.46
C GLU C 213 22.42 2.69 4.82
N ASP C 214 22.52 2.25 6.07
CA ASP C 214 22.08 0.90 6.51
C ASP C 214 20.56 0.73 6.34
N LEU C 215 19.79 1.82 6.29
CA LEU C 215 18.30 1.76 6.07
C LEU C 215 17.95 1.33 4.64
N HIS C 216 18.88 1.42 3.68
CA HIS C 216 18.66 1.09 2.23
C HIS C 216 19.25 -0.28 1.92
N ALA C 217 18.54 -1.12 1.18
CA ALA C 217 19.03 -2.44 0.72
C ALA C 217 20.41 -2.27 0.09
N LEU C 218 20.62 -1.18 -0.65
CA LEU C 218 21.89 -0.91 -1.38
C LEU C 218 22.93 -0.32 -0.43
N ARG C 219 22.59 -0.04 0.82
CA ARG C 219 23.59 0.37 1.86
C ARG C 219 24.45 1.52 1.31
N ARG C 220 23.82 2.53 0.73
CA ARG C 220 24.47 3.79 0.29
C ARG C 220 23.38 4.84 0.11
N LEU C 221 23.78 6.11 0.12
CA LEU C 221 22.87 7.24 -0.18
C LEU C 221 22.58 7.23 -1.69
N GLY C 222 21.42 7.73 -2.08
CA GLY C 222 21.12 8.05 -3.49
C GLY C 222 21.91 9.25 -3.99
N LYS C 223 22.04 9.39 -5.30
CA LYS C 223 22.58 10.60 -5.96
C LYS C 223 21.42 11.38 -6.55
N PRO C 224 21.43 12.74 -6.48
CA PRO C 224 20.41 13.54 -7.16
C PRO C 224 20.17 13.12 -8.62
N GLU C 225 21.25 12.76 -9.31
CA GLU C 225 21.25 12.29 -10.72
C GLU C 225 20.32 11.07 -10.87
N GLU C 226 20.32 10.16 -9.89
CA GLU C 226 19.56 8.89 -9.97
C GLU C 226 18.05 9.17 -9.82
N VAL C 227 17.69 10.20 -9.05
CA VAL C 227 16.27 10.66 -8.96
C VAL C 227 15.87 11.29 -10.30
N ALA C 228 16.76 12.07 -10.90
CA ALA C 228 16.49 12.80 -12.16
C ALA C 228 16.22 11.79 -13.28
N GLU C 229 16.92 10.66 -13.28
CA GLU C 229 16.74 9.63 -14.33
C GLU C 229 15.31 9.12 -14.28
N ALA C 230 14.82 8.83 -13.08
CA ALA C 230 13.42 8.40 -12.83
C ALA C 230 12.47 9.47 -13.35
N VAL C 231 12.71 10.74 -13.03
CA VAL C 231 11.88 11.90 -13.45
C VAL C 231 11.81 11.97 -14.96
N LEU C 232 12.95 11.98 -15.65
CA LEU C 232 13.01 11.94 -17.13
C LEU C 232 12.18 10.75 -17.63
N PHE C 233 12.35 9.56 -17.05
CA PHE C 233 11.65 8.35 -17.55
C PHE C 233 10.14 8.62 -17.49
N LEU C 234 9.68 9.08 -16.35
CA LEU C 234 8.23 9.24 -16.07
C LEU C 234 7.65 10.39 -16.90
N ALA C 235 8.46 11.39 -17.27
CA ALA C 235 8.03 12.52 -18.13
C ALA C 235 8.04 12.16 -19.62
N SER C 236 8.70 11.06 -19.98
CA SER C 236 9.03 10.64 -21.37
C SER C 236 7.88 9.82 -21.95
N GLU C 237 7.84 9.67 -23.27
CA GLU C 237 6.78 8.88 -23.96
C GLU C 237 7.01 7.38 -23.79
N LYS C 238 8.19 6.99 -23.28
CA LYS C 238 8.48 5.58 -22.86
C LYS C 238 7.51 5.15 -21.76
N ALA C 239 7.03 6.10 -20.96
CA ALA C 239 6.10 5.90 -19.82
C ALA C 239 4.64 6.17 -20.23
N SER C 240 4.28 5.94 -21.49
CA SER C 240 2.99 6.38 -22.10
C SER C 240 1.80 5.65 -21.47
N PHE C 241 2.01 4.48 -20.84
CA PHE C 241 0.92 3.78 -20.10
C PHE C 241 1.16 3.81 -18.58
N ILE C 242 1.96 4.75 -18.09
CA ILE C 242 2.18 4.95 -16.64
C ILE C 242 1.58 6.29 -16.24
N THR C 243 0.50 6.28 -15.45
CA THR C 243 -0.10 7.49 -14.82
C THR C 243 -0.67 7.09 -13.47
N GLY C 244 -0.58 7.95 -12.47
CA GLY C 244 -1.09 7.72 -11.10
C GLY C 244 -0.13 6.97 -10.21
N ALA C 245 1.07 6.65 -10.74
CA ALA C 245 2.07 5.79 -10.09
C ALA C 245 2.87 6.61 -9.09
N ILE C 246 3.18 6.01 -7.93
CA ILE C 246 4.20 6.54 -7.00
C ILE C 246 5.41 5.60 -7.10
N LEU C 247 6.52 6.07 -7.67
CA LEU C 247 7.70 5.21 -7.93
C LEU C 247 8.75 5.54 -6.86
N PRO C 248 9.06 4.60 -5.94
CA PRO C 248 10.12 4.79 -4.98
C PRO C 248 11.49 4.80 -5.68
N VAL C 249 12.33 5.74 -5.29
CA VAL C 249 13.75 5.80 -5.73
C VAL C 249 14.57 5.87 -4.46
N ASP C 250 14.71 4.74 -3.78
CA ASP C 250 15.10 4.66 -2.35
C ASP C 250 16.04 3.49 -2.08
N GLY C 251 16.66 2.92 -3.11
CA GLY C 251 17.57 1.76 -2.98
C GLY C 251 17.01 0.68 -2.05
N GLY C 252 15.70 0.43 -2.08
CA GLY C 252 15.07 -0.66 -1.29
C GLY C 252 14.63 -0.27 0.12
N LEU C 253 14.73 1.00 0.49
CA LEU C 253 14.43 1.53 1.86
C LEU C 253 13.03 1.10 2.30
N THR C 254 12.03 1.24 1.44
CA THR C 254 10.59 0.99 1.77
C THR C 254 10.21 -0.49 1.53
N ALA C 255 11.15 -1.33 1.10
CA ALA C 255 10.90 -2.78 0.92
C ALA C 255 11.18 -3.57 2.20
N SER C 256 11.78 -3.00 3.26
CA SER C 256 12.16 -3.71 4.54
C SER C 256 12.24 -2.81 5.77
N PHE C 257 12.63 -3.37 6.94
CA PHE C 257 12.98 -2.71 8.26
C PHE C 257 14.22 -3.37 8.88
N MET D 9 -24.23 -15.65 27.20
CA MET D 9 -23.02 -16.44 27.58
C MET D 9 -21.74 -15.95 26.86
N GLY D 10 -21.73 -14.72 26.30
CA GLY D 10 -20.57 -14.12 25.59
C GLY D 10 -20.80 -13.88 24.09
N LEU D 11 -19.78 -13.38 23.39
CA LEU D 11 -19.90 -12.82 22.01
C LEU D 11 -19.96 -13.93 20.94
N PHE D 12 -19.40 -15.11 21.23
CA PHE D 12 -19.29 -16.26 20.29
C PHE D 12 -20.02 -17.47 20.92
N ALA D 13 -21.06 -17.19 21.69
CA ALA D 13 -21.83 -18.19 22.47
C ALA D 13 -22.46 -19.20 21.50
N GLY D 14 -22.01 -20.46 21.56
CA GLY D 14 -22.58 -21.60 20.80
C GLY D 14 -22.11 -21.65 19.36
N LYS D 15 -21.11 -20.85 19.03
CA LYS D 15 -20.52 -20.78 17.67
C LYS D 15 -19.38 -21.79 17.61
N GLY D 16 -19.24 -22.44 16.46
CA GLY D 16 -18.15 -23.36 16.17
C GLY D 16 -16.99 -22.63 15.53
N VAL D 17 -15.82 -22.72 16.16
CA VAL D 17 -14.60 -21.96 15.76
C VAL D 17 -13.45 -22.95 15.55
N LEU D 18 -12.94 -23.02 14.32
CA LEU D 18 -11.73 -23.81 13.98
C LEU D 18 -10.52 -22.87 14.07
N VAL D 19 -9.43 -23.34 14.70
CA VAL D 19 -8.16 -22.59 14.90
C VAL D 19 -7.00 -23.55 14.62
N THR D 20 -6.13 -23.25 13.66
CA THR D 20 -4.92 -24.05 13.31
C THR D 20 -3.76 -23.55 14.16
N GLY D 21 -2.77 -24.39 14.42
CA GLY D 21 -1.57 -24.05 15.20
C GLY D 21 -1.95 -23.58 16.61
N GLY D 22 -2.92 -24.24 17.23
CA GLY D 22 -3.53 -23.80 18.50
C GLY D 22 -2.78 -24.24 19.74
N ALA D 23 -1.69 -25.03 19.63
CA ALA D 23 -0.98 -25.60 20.79
C ALA D 23 -0.23 -24.49 21.54
N ARG D 24 0.47 -23.59 20.83
CA ARG D 24 1.24 -22.53 21.52
C ARG D 24 0.99 -21.17 20.86
N GLY D 25 1.61 -20.13 21.42
CA GLY D 25 1.71 -18.78 20.86
C GLY D 25 0.34 -18.16 20.61
N ILE D 26 0.22 -17.51 19.45
CA ILE D 26 -0.96 -16.71 19.03
C ILE D 26 -2.16 -17.65 18.91
N GLY D 27 -1.94 -18.83 18.32
CA GLY D 27 -2.98 -19.87 18.16
C GLY D 27 -3.62 -20.22 19.48
N ARG D 28 -2.81 -20.49 20.50
CA ARG D 28 -3.30 -20.84 21.86
C ARG D 28 -4.12 -19.64 22.37
N ALA D 29 -3.56 -18.45 22.28
CA ALA D 29 -4.19 -17.21 22.78
C ALA D 29 -5.54 -17.01 22.07
N ILE D 30 -5.62 -17.32 20.76
CA ILE D 30 -6.86 -17.17 19.96
C ILE D 30 -7.90 -18.19 20.43
N ALA D 31 -7.54 -19.49 20.49
CA ALA D 31 -8.40 -20.57 21.05
C ALA D 31 -8.92 -20.15 22.43
N GLN D 32 -8.04 -19.67 23.31
CA GLN D 32 -8.44 -19.23 24.68
C GLN D 32 -9.45 -18.07 24.59
N ALA D 33 -9.18 -17.09 23.74
CA ALA D 33 -10.03 -15.88 23.61
C ALA D 33 -11.44 -16.29 23.16
N PHE D 34 -11.55 -17.18 22.18
CA PHE D 34 -12.87 -17.60 21.63
C PHE D 34 -13.65 -18.38 22.70
N ALA D 35 -12.97 -19.32 23.39
CA ALA D 35 -13.55 -20.11 24.50
C ALA D 35 -14.10 -19.15 25.56
N ARG D 36 -13.29 -18.17 25.99
CA ARG D 36 -13.68 -17.14 27.00
C ARG D 36 -15.01 -16.49 26.56
N GLU D 37 -15.27 -16.32 25.26
CA GLU D 37 -16.52 -15.68 24.74
C GLU D 37 -17.56 -16.75 24.37
N GLY D 38 -17.38 -17.96 24.87
CA GLY D 38 -18.41 -19.02 24.82
C GLY D 38 -18.45 -19.75 23.51
N ALA D 39 -17.31 -19.86 22.82
CA ALA D 39 -17.23 -20.55 21.51
C ALA D 39 -16.98 -22.04 21.77
N LEU D 40 -17.55 -22.90 20.93
CA LEU D 40 -17.12 -24.31 20.79
C LEU D 40 -15.89 -24.30 19.90
N VAL D 41 -14.70 -24.45 20.48
CA VAL D 41 -13.39 -24.34 19.79
C VAL D 41 -12.91 -25.73 19.41
N ALA D 42 -12.69 -25.98 18.12
CA ALA D 42 -11.85 -27.10 17.61
C ALA D 42 -10.50 -26.52 17.19
N LEU D 43 -9.41 -26.97 17.82
CA LEU D 43 -8.04 -26.55 17.43
C LEU D 43 -7.24 -27.76 16.95
N CYS D 44 -6.41 -27.57 15.93
CA CYS D 44 -5.45 -28.58 15.45
C CYS D 44 -4.02 -28.05 15.61
N ASP D 45 -3.06 -28.96 15.56
CA ASP D 45 -1.61 -28.71 15.67
C ASP D 45 -0.93 -30.04 15.36
N LEU D 46 0.33 -29.97 14.95
CA LEU D 46 1.22 -31.16 14.83
C LEU D 46 1.47 -31.69 16.23
N ARG D 47 1.73 -30.76 17.17
CA ARG D 47 2.24 -31.06 18.54
C ARG D 47 1.12 -31.70 19.36
N PRO D 48 1.39 -32.84 20.05
CA PRO D 48 0.34 -33.55 20.78
C PRO D 48 -0.09 -32.80 22.05
N GLU D 49 0.78 -31.92 22.55
CA GLU D 49 0.49 -31.01 23.70
C GLU D 49 -0.78 -30.18 23.44
N GLY D 50 -1.19 -30.03 22.19
CA GLY D 50 -2.47 -29.39 21.82
C GLY D 50 -3.63 -29.95 22.61
N LYS D 51 -3.60 -31.25 22.92
CA LYS D 51 -4.61 -31.97 23.76
C LYS D 51 -4.89 -31.15 25.02
N GLU D 52 -3.84 -30.65 25.70
CA GLU D 52 -3.95 -30.07 27.06
C GLU D 52 -4.53 -28.66 26.96
N VAL D 53 -4.35 -28.01 25.81
CA VAL D 53 -4.90 -26.65 25.56
C VAL D 53 -6.42 -26.78 25.40
N ALA D 54 -6.87 -27.78 24.64
CA ALA D 54 -8.30 -28.03 24.38
C ALA D 54 -9.01 -28.46 25.67
N GLU D 55 -8.41 -29.41 26.40
CA GLU D 55 -8.90 -29.83 27.73
C GLU D 55 -9.13 -28.59 28.58
N ALA D 56 -8.09 -27.78 28.76
CA ALA D 56 -8.05 -26.58 29.64
C ALA D 56 -9.17 -25.57 29.32
N ILE D 57 -9.67 -25.48 28.08
CA ILE D 57 -10.67 -24.45 27.66
C ILE D 57 -12.02 -25.12 27.35
N GLY D 58 -12.09 -26.45 27.36
CA GLY D 58 -13.34 -27.18 27.13
C GLY D 58 -13.67 -27.23 25.66
N GLY D 59 -12.66 -27.49 24.83
CA GLY D 59 -12.78 -27.62 23.37
C GLY D 59 -12.18 -28.92 22.89
N ALA D 60 -12.21 -29.16 21.57
CA ALA D 60 -11.76 -30.37 20.87
C ALA D 60 -10.36 -30.16 20.30
N PHE D 61 -9.51 -31.19 20.33
CA PHE D 61 -8.16 -31.21 19.71
C PHE D 61 -8.13 -32.24 18.59
N PHE D 62 -7.33 -31.94 17.56
CA PHE D 62 -7.09 -32.84 16.41
C PHE D 62 -5.61 -32.70 16.06
N GLN D 63 -4.87 -33.82 16.07
CA GLN D 63 -3.47 -33.84 15.61
C GLN D 63 -3.51 -33.92 14.09
N VAL D 64 -3.05 -32.84 13.44
CA VAL D 64 -3.14 -32.64 11.97
C VAL D 64 -1.76 -32.22 11.48
N ASP D 65 -1.35 -32.73 10.32
CA ASP D 65 -0.21 -32.19 9.51
C ASP D 65 -0.82 -31.48 8.31
N LEU D 66 -0.84 -30.15 8.35
CA LEU D 66 -1.55 -29.29 7.36
C LEU D 66 -0.89 -29.42 5.98
N GLU D 67 0.35 -29.94 5.93
CA GLU D 67 1.05 -30.25 4.67
C GLU D 67 0.29 -31.29 3.82
N ASP D 68 -0.54 -32.14 4.47
CA ASP D 68 -1.24 -33.29 3.85
C ASP D 68 -2.67 -32.90 3.51
N GLU D 69 -3.03 -32.83 2.23
CA GLU D 69 -4.40 -32.42 1.80
C GLU D 69 -5.46 -33.37 2.37
N ARG D 70 -5.16 -34.66 2.56
CA ARG D 70 -6.14 -35.63 3.14
C ARG D 70 -6.35 -35.29 4.62
N GLU D 71 -5.26 -35.04 5.37
CA GLU D 71 -5.35 -34.67 6.80
C GLU D 71 -6.16 -33.38 6.98
N ARG D 72 -6.25 -32.52 5.95
CA ARG D 72 -6.98 -31.22 6.02
C ARG D 72 -8.48 -31.45 5.80
N VAL D 73 -8.85 -32.25 4.80
CA VAL D 73 -10.26 -32.68 4.59
C VAL D 73 -10.76 -33.34 5.88
N ARG D 74 -9.95 -34.25 6.44
CA ARG D 74 -10.24 -34.99 7.69
C ARG D 74 -10.56 -33.98 8.79
N PHE D 75 -9.61 -33.10 9.11
CA PHE D 75 -9.72 -32.09 10.22
C PHE D 75 -11.07 -31.36 10.15
N VAL D 76 -11.52 -30.91 8.98
CA VAL D 76 -12.72 -30.02 8.88
C VAL D 76 -13.98 -30.85 9.10
N GLU D 77 -14.08 -32.00 8.44
CA GLU D 77 -15.23 -32.93 8.60
C GLU D 77 -15.39 -33.34 10.08
N GLU D 78 -14.33 -33.81 10.72
CA GLU D 78 -14.35 -34.24 12.16
C GLU D 78 -14.68 -33.08 13.09
N ALA D 79 -14.08 -31.89 12.89
CA ALA D 79 -14.35 -30.66 13.67
C ALA D 79 -15.83 -30.26 13.49
N ALA D 80 -16.34 -30.18 12.27
CA ALA D 80 -17.76 -29.85 12.01
C ALA D 80 -18.68 -30.82 12.75
N TYR D 81 -18.32 -32.12 12.74
CA TYR D 81 -19.07 -33.19 13.44
C TYR D 81 -19.02 -32.90 14.95
N ALA D 82 -17.82 -32.83 15.51
CA ALA D 82 -17.57 -32.56 16.95
C ALA D 82 -18.33 -31.32 17.45
N LEU D 83 -18.38 -30.22 16.69
CA LEU D 83 -18.93 -28.91 17.17
C LEU D 83 -20.42 -28.81 16.78
N GLY D 84 -20.84 -29.53 15.74
CA GLY D 84 -22.23 -29.51 15.25
C GLY D 84 -22.52 -28.35 14.31
N ARG D 85 -21.65 -27.36 14.26
CA ARG D 85 -21.70 -26.24 13.28
C ARG D 85 -20.28 -25.65 13.11
N VAL D 86 -20.06 -24.93 12.02
CA VAL D 86 -18.86 -24.10 11.75
C VAL D 86 -19.32 -22.69 11.41
N ASP D 87 -18.80 -21.72 12.17
CA ASP D 87 -19.09 -20.26 12.01
C ASP D 87 -17.81 -19.48 11.69
N VAL D 88 -16.65 -19.90 12.21
CA VAL D 88 -15.38 -19.14 12.11
C VAL D 88 -14.22 -20.13 11.87
N LEU D 89 -13.38 -19.81 10.89
CA LEU D 89 -12.06 -20.46 10.71
C LEU D 89 -10.95 -19.41 10.90
N VAL D 90 -9.92 -19.78 11.66
CA VAL D 90 -8.69 -18.98 11.82
C VAL D 90 -7.51 -19.76 11.24
N ASN D 91 -6.94 -19.28 10.15
CA ASN D 91 -5.71 -19.85 9.57
C ASN D 91 -4.54 -19.18 10.27
N ASN D 92 -4.01 -19.81 11.32
CA ASN D 92 -2.93 -19.23 12.12
C ASN D 92 -1.63 -20.03 11.92
N ALA D 93 -1.69 -21.32 11.64
CA ALA D 93 -0.48 -22.18 11.57
C ALA D 93 0.40 -21.69 10.43
N ALA D 94 1.71 -21.58 10.68
CA ALA D 94 2.72 -21.24 9.65
C ALA D 94 4.06 -21.87 10.01
N ILE D 95 4.88 -22.19 9.02
CA ILE D 95 6.30 -22.62 9.18
C ILE D 95 7.17 -21.62 8.41
N ALA D 96 8.48 -21.64 8.65
CA ALA D 96 9.46 -20.93 7.79
C ALA D 96 10.60 -21.91 7.42
N ALA D 97 11.37 -21.55 6.42
CA ALA D 97 12.58 -22.22 5.91
C ALA D 97 13.65 -21.14 5.73
N PRO D 98 14.61 -21.05 6.68
CA PRO D 98 15.67 -20.06 6.60
C PRO D 98 16.37 -20.07 5.24
N GLY D 99 16.79 -18.88 4.78
CA GLY D 99 17.60 -18.70 3.55
C GLY D 99 16.95 -17.75 2.54
N SER D 100 17.81 -17.00 1.84
CA SER D 100 17.55 -16.28 0.56
C SER D 100 17.16 -17.29 -0.51
N ALA D 101 16.89 -16.82 -1.73
CA ALA D 101 16.62 -17.70 -2.89
C ALA D 101 17.92 -18.47 -3.21
N LEU D 102 19.07 -17.86 -2.91
CA LEU D 102 20.41 -18.43 -3.17
C LEU D 102 20.65 -19.68 -2.31
N THR D 103 20.15 -19.72 -1.07
CA THR D 103 20.57 -20.69 -0.04
C THR D 103 19.45 -21.67 0.31
N VAL D 104 18.19 -21.35 0.02
CA VAL D 104 17.02 -22.19 0.40
C VAL D 104 16.97 -23.40 -0.53
N ARG D 105 16.57 -24.56 0.00
CA ARG D 105 16.38 -25.80 -0.78
C ARG D 105 14.94 -25.81 -1.31
N LEU D 106 14.75 -26.24 -2.55
CA LEU D 106 13.41 -26.24 -3.22
C LEU D 106 12.40 -27.04 -2.41
N PRO D 107 12.68 -28.28 -1.93
CA PRO D 107 11.66 -29.02 -1.18
C PRO D 107 11.22 -28.28 0.10
N GLU D 108 12.13 -27.59 0.76
CA GLU D 108 11.85 -26.74 1.97
C GLU D 108 10.89 -25.59 1.59
N TRP D 109 11.24 -24.83 0.54
CA TRP D 109 10.42 -23.76 -0.07
C TRP D 109 9.01 -24.30 -0.35
N ARG D 110 8.90 -25.44 -1.06
CA ARG D 110 7.59 -26.01 -1.50
C ARG D 110 6.74 -26.36 -0.26
N ARG D 111 7.38 -26.78 0.84
CA ARG D 111 6.70 -27.23 2.08
C ARG D 111 6.07 -25.98 2.73
N VAL D 112 6.88 -24.93 2.90
CA VAL D 112 6.44 -23.62 3.44
C VAL D 112 5.24 -23.08 2.64
N LEU D 113 5.26 -23.17 1.31
CA LEU D 113 4.13 -22.66 0.48
C LEU D 113 2.88 -23.51 0.74
N GLU D 114 3.03 -24.82 0.90
CA GLU D 114 1.90 -25.78 1.07
C GLU D 114 1.15 -25.44 2.35
N VAL D 115 1.91 -25.28 3.45
CA VAL D 115 1.38 -25.03 4.83
C VAL D 115 0.85 -23.59 4.91
N ASN D 116 1.62 -22.61 4.42
CA ASN D 116 1.38 -21.17 4.71
C ASN D 116 0.36 -20.61 3.73
N LEU D 117 0.24 -21.17 2.53
CA LEU D 117 -0.55 -20.55 1.43
C LEU D 117 -1.58 -21.54 0.87
N THR D 118 -1.16 -22.75 0.50
CA THR D 118 -2.11 -23.76 -0.07
C THR D 118 -3.11 -24.21 1.03
N ALA D 119 -2.62 -24.58 2.22
CA ALA D 119 -3.46 -25.09 3.32
C ALA D 119 -4.54 -24.08 3.69
N PRO D 120 -4.24 -22.78 3.93
CA PRO D 120 -5.28 -21.79 4.20
C PRO D 120 -6.36 -21.65 3.11
N MET D 121 -5.96 -21.75 1.84
CA MET D 121 -6.91 -21.74 0.71
C MET D 121 -7.80 -22.97 0.82
N HIS D 122 -7.18 -24.15 0.93
CA HIS D 122 -7.89 -25.45 0.99
C HIS D 122 -8.91 -25.39 2.13
N LEU D 123 -8.43 -25.16 3.35
CA LEU D 123 -9.24 -25.11 4.61
C LEU D 123 -10.38 -24.09 4.50
N SER D 124 -10.18 -22.97 3.83
CA SER D 124 -11.20 -21.89 3.68
C SER D 124 -12.34 -22.43 2.80
N ALA D 125 -12.01 -23.12 1.71
CA ALA D 125 -12.97 -23.81 0.81
C ALA D 125 -13.74 -24.89 1.58
N LEU D 126 -13.06 -25.74 2.36
CA LEU D 126 -13.71 -26.82 3.17
C LEU D 126 -14.65 -26.19 4.20
N ALA D 127 -14.14 -25.25 5.00
CA ALA D 127 -14.91 -24.59 6.09
C ALA D 127 -16.07 -23.80 5.50
N ALA D 128 -15.92 -23.22 4.31
CA ALA D 128 -16.95 -22.37 3.68
C ALA D 128 -18.19 -23.22 3.41
N ARG D 129 -18.01 -24.48 3.00
CA ARG D 129 -19.11 -25.39 2.63
C ARG D 129 -19.95 -25.69 3.89
N GLU D 130 -19.30 -25.77 5.06
CA GLU D 130 -19.97 -25.91 6.39
C GLU D 130 -20.63 -24.60 6.87
N MET D 131 -20.12 -23.43 6.51
CA MET D 131 -20.59 -22.12 7.01
C MET D 131 -21.92 -21.72 6.34
N ARG D 132 -22.16 -22.29 5.16
CA ARG D 132 -23.39 -22.05 4.36
C ARG D 132 -24.59 -22.34 5.26
N LYS D 133 -24.58 -23.49 5.94
CA LYS D 133 -25.78 -23.98 6.68
C LYS D 133 -26.33 -22.82 7.51
N PRO D 134 -25.84 -22.54 8.74
CA PRO D 134 -26.54 -21.57 9.60
C PRO D 134 -26.39 -20.15 9.02
N GLY D 135 -26.61 -19.12 9.85
CA GLY D 135 -26.34 -17.71 9.52
C GLY D 135 -24.88 -17.50 9.11
N PRO D 136 -24.34 -16.28 9.29
CA PRO D 136 -23.14 -15.85 8.57
C PRO D 136 -21.85 -16.47 9.12
N GLY D 137 -20.79 -16.47 8.31
CA GLY D 137 -19.46 -17.02 8.65
C GLY D 137 -18.35 -15.98 8.50
N ALA D 138 -17.16 -16.31 8.98
CA ALA D 138 -16.00 -15.39 8.98
C ALA D 138 -14.72 -16.21 9.05
N ILE D 139 -13.73 -15.75 8.29
CA ILE D 139 -12.37 -16.35 8.23
C ILE D 139 -11.40 -15.22 8.55
N VAL D 140 -10.42 -15.51 9.39
CA VAL D 140 -9.35 -14.56 9.71
C VAL D 140 -8.04 -15.30 9.46
N ASN D 141 -7.19 -14.73 8.60
CA ASN D 141 -5.84 -15.28 8.32
C ASN D 141 -4.81 -14.49 9.12
N VAL D 142 -3.95 -15.19 9.85
CA VAL D 142 -2.84 -14.56 10.59
C VAL D 142 -1.62 -14.54 9.67
N ALA D 143 -1.30 -13.36 9.16
CA ALA D 143 -0.12 -13.14 8.31
C ALA D 143 1.03 -12.75 9.24
N SER D 144 1.51 -11.51 9.07
CA SER D 144 2.79 -10.97 9.58
C SER D 144 3.09 -9.69 8.79
N TYR D 145 3.73 -8.68 9.42
CA TYR D 145 4.36 -7.55 8.72
C TYR D 145 5.23 -8.08 7.55
N LEU D 146 5.70 -9.34 7.64
CA LEU D 146 6.61 -10.00 6.65
C LEU D 146 5.82 -10.57 5.46
N GLY D 147 4.50 -10.31 5.36
CA GLY D 147 3.68 -10.38 4.12
C GLY D 147 3.61 -9.07 3.32
N LEU D 148 3.86 -7.91 3.94
CA LEU D 148 3.75 -6.57 3.30
C LEU D 148 5.14 -6.04 2.97
N PHE D 149 6.17 -6.63 3.57
CA PHE D 149 7.62 -6.26 3.45
C PHE D 149 8.45 -7.54 3.47
N ALA D 150 9.76 -7.40 3.29
CA ALA D 150 10.74 -8.52 3.36
C ALA D 150 11.71 -8.30 4.52
N GLU D 151 12.32 -9.39 5.00
CA GLU D 151 13.57 -9.38 5.80
C GLU D 151 14.57 -10.30 5.10
N GLN D 152 15.85 -10.15 5.45
CA GLN D 152 16.95 -10.94 4.84
C GLN D 152 16.76 -12.42 5.19
N GLU D 153 17.11 -13.30 4.26
CA GLU D 153 17.32 -14.74 4.51
C GLU D 153 16.00 -15.36 4.97
N ASN D 154 14.87 -14.94 4.38
CA ASN D 154 13.55 -15.51 4.74
C ASN D 154 12.60 -15.54 3.55
N ALA D 155 13.09 -15.90 2.37
CA ALA D 155 12.36 -15.80 1.08
C ALA D 155 11.04 -16.58 1.14
N ALA D 156 11.02 -17.77 1.70
CA ALA D 156 9.85 -18.66 1.61
C ALA D 156 8.69 -18.03 2.40
N TYR D 157 8.99 -17.56 3.62
CA TYR D 157 8.01 -16.89 4.52
C TYR D 157 7.52 -15.59 3.86
N ASN D 158 8.42 -14.73 3.38
CA ASN D 158 8.02 -13.47 2.70
C ASN D 158 7.06 -13.80 1.55
N ALA D 159 7.44 -14.74 0.69
CA ALA D 159 6.63 -15.07 -0.51
C ALA D 159 5.26 -15.61 -0.08
N SER D 160 5.22 -16.52 0.90
CA SER D 160 3.98 -17.23 1.27
C SER D 160 3.01 -16.24 1.93
N LYS D 161 3.53 -15.32 2.74
CA LYS D 161 2.70 -14.31 3.45
C LYS D 161 2.21 -13.26 2.45
N GLY D 162 3.02 -12.89 1.48
CA GLY D 162 2.55 -12.04 0.36
C GLY D 162 1.35 -12.67 -0.33
N GLY D 163 1.45 -13.97 -0.64
CA GLY D 163 0.38 -14.78 -1.23
C GLY D 163 -0.84 -14.84 -0.31
N LEU D 164 -0.62 -15.05 0.99
CA LEU D 164 -1.72 -15.12 1.99
C LEU D 164 -2.50 -13.79 2.00
N VAL D 165 -1.81 -12.67 1.90
CA VAL D 165 -2.47 -11.33 1.92
C VAL D 165 -3.37 -11.24 0.70
N ASN D 166 -2.88 -11.59 -0.47
CA ASN D 166 -3.73 -11.43 -1.68
C ASN D 166 -4.78 -12.57 -1.72
N LEU D 167 -4.49 -13.73 -1.12
CA LEU D 167 -5.51 -14.80 -1.01
C LEU D 167 -6.68 -14.31 -0.14
N THR D 168 -6.38 -13.58 0.93
CA THR D 168 -7.42 -12.99 1.82
C THR D 168 -8.37 -12.14 0.97
N ARG D 169 -7.85 -11.32 0.05
CA ARG D 169 -8.71 -10.45 -0.79
C ARG D 169 -9.54 -11.32 -1.72
N SER D 170 -8.90 -12.32 -2.35
CA SER D 170 -9.53 -13.26 -3.32
C SER D 170 -10.71 -13.97 -2.65
N LEU D 171 -10.47 -14.57 -1.46
CA LEU D 171 -11.49 -15.27 -0.65
C LEU D 171 -12.61 -14.30 -0.27
N ALA D 172 -12.30 -13.01 -0.03
CA ALA D 172 -13.32 -12.01 0.39
C ALA D 172 -14.28 -11.82 -0.77
N LEU D 173 -13.77 -11.57 -1.97
CA LEU D 173 -14.60 -11.46 -3.20
C LEU D 173 -15.40 -12.74 -3.41
N ASP D 174 -14.73 -13.88 -3.43
CA ASP D 174 -15.35 -15.16 -3.90
C ASP D 174 -16.42 -15.62 -2.90
N LEU D 175 -16.21 -15.45 -1.58
CA LEU D 175 -17.08 -16.01 -0.52
C LEU D 175 -18.13 -14.99 -0.01
N ALA D 176 -18.11 -13.73 -0.44
CA ALA D 176 -19.14 -12.74 -0.03
C ALA D 176 -20.55 -13.27 -0.38
N PRO D 177 -20.77 -13.87 -1.58
CA PRO D 177 -22.08 -14.44 -1.93
C PRO D 177 -22.65 -15.45 -0.91
N LEU D 178 -21.77 -16.19 -0.20
CA LEU D 178 -22.14 -17.17 0.85
C LEU D 178 -22.24 -16.51 2.24
N ARG D 179 -22.28 -15.17 2.31
CA ARG D 179 -22.35 -14.39 3.58
C ARG D 179 -21.15 -14.72 4.47
N ILE D 180 -19.96 -14.84 3.88
CA ILE D 180 -18.68 -15.08 4.61
C ILE D 180 -17.73 -13.89 4.42
N ARG D 181 -17.31 -13.28 5.53
CA ARG D 181 -16.33 -12.17 5.56
C ARG D 181 -14.94 -12.79 5.71
N VAL D 182 -13.92 -12.25 5.04
CA VAL D 182 -12.53 -12.77 5.16
C VAL D 182 -11.58 -11.58 5.29
N ASN D 183 -10.79 -11.59 6.36
CA ASN D 183 -9.85 -10.51 6.73
C ASN D 183 -8.55 -11.18 7.20
N ALA D 184 -7.48 -10.40 7.33
CA ALA D 184 -6.20 -10.87 7.89
C ALA D 184 -5.75 -9.91 8.98
N VAL D 185 -5.00 -10.41 9.95
CA VAL D 185 -4.14 -9.60 10.85
C VAL D 185 -2.69 -9.76 10.42
N ALA D 186 -1.90 -8.69 10.51
CA ALA D 186 -0.45 -8.69 10.24
C ALA D 186 0.29 -8.29 11.52
N PRO D 187 0.62 -9.26 12.38
CA PRO D 187 1.32 -8.98 13.63
C PRO D 187 2.75 -8.45 13.44
N GLY D 188 3.19 -7.59 14.37
CA GLY D 188 4.60 -7.19 14.52
C GLY D 188 5.33 -8.25 15.29
N PHE D 189 6.36 -7.91 16.07
CA PHE D 189 7.08 -8.89 16.91
C PHE D 189 6.21 -9.21 18.12
N ILE D 190 5.81 -10.47 18.27
CA ILE D 190 4.95 -10.94 19.40
C ILE D 190 5.77 -11.84 20.32
N ALA D 191 5.74 -11.57 21.62
CA ALA D 191 6.49 -12.33 22.65
C ALA D 191 5.80 -13.68 22.89
N THR D 192 5.90 -14.58 21.91
CA THR D 192 5.59 -16.03 21.99
C THR D 192 6.81 -16.76 22.56
N GLU D 193 6.65 -18.02 22.95
CA GLU D 193 7.77 -18.85 23.47
C GLU D 193 8.91 -18.89 22.45
N ALA D 194 8.59 -19.02 21.16
CA ALA D 194 9.58 -19.15 20.07
C ALA D 194 10.45 -17.91 19.99
N LEU D 195 9.85 -16.72 20.05
CA LEU D 195 10.61 -15.45 19.96
C LEU D 195 11.46 -15.27 21.23
N LEU D 196 10.91 -15.64 22.38
CA LEU D 196 11.65 -15.57 23.67
C LEU D 196 12.84 -16.56 23.64
N GLU D 197 12.69 -17.75 23.04
CA GLU D 197 13.79 -18.75 22.91
C GLU D 197 14.89 -18.09 22.05
N LEU D 198 14.51 -17.48 20.92
CA LEU D 198 15.43 -16.86 19.94
C LEU D 198 16.23 -15.74 20.62
N ILE D 199 15.54 -14.86 21.35
CA ILE D 199 16.18 -13.76 22.11
C ILE D 199 17.15 -14.38 23.12
N ALA D 200 16.67 -15.34 23.92
CA ALA D 200 17.43 -15.98 25.02
C ALA D 200 18.75 -16.56 24.50
N LEU D 201 18.76 -17.10 23.27
CA LEU D 201 19.92 -17.84 22.71
C LEU D 201 20.81 -16.91 21.88
N SER D 202 20.42 -15.65 21.70
CA SER D 202 21.26 -14.63 21.03
C SER D 202 22.46 -14.30 21.92
N PRO D 203 23.57 -13.76 21.37
CA PRO D 203 24.74 -13.43 22.19
C PRO D 203 24.46 -12.45 23.34
N ASP D 204 23.74 -11.36 23.08
CA ASP D 204 23.41 -10.31 24.09
C ASP D 204 21.89 -10.22 24.19
N PRO D 205 21.21 -11.12 24.91
CA PRO D 205 19.74 -11.20 24.91
C PRO D 205 19.01 -9.86 25.17
N GLU D 206 19.53 -9.03 26.07
CA GLU D 206 18.87 -7.76 26.44
C GLU D 206 19.00 -6.76 25.28
N ARG D 207 20.17 -6.69 24.64
CA ARG D 207 20.41 -5.79 23.49
C ARG D 207 19.49 -6.22 22.34
N THR D 208 19.34 -7.52 22.11
CA THR D 208 18.45 -8.09 21.06
C THR D 208 17.00 -7.65 21.30
N ARG D 209 16.52 -7.84 22.50
CA ARG D 209 15.12 -7.48 22.84
C ARG D 209 14.91 -5.96 22.71
N ARG D 210 15.85 -5.14 23.16
CA ARG D 210 15.81 -3.65 23.09
C ARG D 210 15.74 -3.22 21.61
N ASP D 211 16.55 -3.83 20.75
CA ASP D 211 16.56 -3.53 19.29
C ASP D 211 15.20 -3.85 18.70
N MET D 212 14.60 -4.99 19.06
CA MET D 212 13.27 -5.40 18.57
C MET D 212 12.22 -4.42 19.09
N GLU D 213 12.21 -4.12 20.38
CA GLU D 213 11.24 -3.17 20.98
C GLU D 213 11.34 -1.82 20.24
N ASP D 214 12.55 -1.34 19.97
CA ASP D 214 12.79 0.02 19.43
C ASP D 214 12.20 0.16 18.02
N LEU D 215 11.98 -0.93 17.28
CA LEU D 215 11.36 -0.91 15.93
C LEU D 215 9.86 -0.55 16.00
N HIS D 216 9.21 -0.66 17.17
CA HIS D 216 7.76 -0.39 17.38
C HIS D 216 7.57 0.98 18.01
N ALA D 217 6.62 1.76 17.52
CA ALA D 217 6.26 3.08 18.09
C ALA D 217 6.05 2.94 19.60
N LEU D 218 5.44 1.84 20.05
CA LEU D 218 5.11 1.59 21.48
C LEU D 218 6.35 1.06 22.23
N ARG D 219 7.47 0.82 21.56
CA ARG D 219 8.74 0.44 22.22
C ARG D 219 8.50 -0.73 23.19
N ARG D 220 7.83 -1.78 22.75
CA ARG D 220 7.65 -3.05 23.51
C ARG D 220 7.20 -4.14 22.54
N LEU D 221 7.36 -5.40 22.94
CA LEU D 221 6.85 -6.55 22.15
C LEU D 221 5.32 -6.61 22.33
N GLY D 222 4.63 -7.14 21.32
CA GLY D 222 3.21 -7.50 21.45
C GLY D 222 3.00 -8.73 22.35
N LYS D 223 1.78 -8.89 22.85
CA LYS D 223 1.36 -10.09 23.59
C LYS D 223 0.46 -10.90 22.67
N PRO D 224 0.57 -12.25 22.67
CA PRO D 224 -0.35 -13.08 21.89
C PRO D 224 -1.83 -12.70 22.11
N GLU D 225 -2.18 -12.34 23.34
CA GLU D 225 -3.54 -11.90 23.74
C GLU D 225 -3.99 -10.71 22.87
N GLU D 226 -3.09 -9.78 22.56
CA GLU D 226 -3.40 -8.53 21.81
C GLU D 226 -3.72 -8.85 20.36
N VAL D 227 -3.08 -9.88 19.80
CA VAL D 227 -3.38 -10.37 18.43
C VAL D 227 -4.76 -11.03 18.44
N ALA D 228 -5.04 -11.81 19.47
CA ALA D 228 -6.32 -12.55 19.58
C ALA D 228 -7.49 -11.57 19.66
N GLU D 229 -7.32 -10.42 20.32
CA GLU D 229 -8.39 -9.41 20.47
C GLU D 229 -8.80 -8.93 19.07
N ALA D 230 -7.80 -8.64 18.23
CA ALA D 230 -8.01 -8.22 16.83
C ALA D 230 -8.78 -9.32 16.08
N VAL D 231 -8.37 -10.57 16.25
CA VAL D 231 -8.98 -11.76 15.58
C VAL D 231 -10.44 -11.88 16.00
N LEU D 232 -10.72 -11.86 17.29
CA LEU D 232 -12.13 -11.85 17.79
C LEU D 232 -12.91 -10.71 17.14
N PHE D 233 -12.37 -9.51 17.11
CA PHE D 233 -13.09 -8.34 16.56
C PHE D 233 -13.48 -8.65 15.10
N LEU D 234 -12.51 -9.10 14.32
CA LEU D 234 -12.69 -9.29 12.86
C LEU D 234 -13.61 -10.49 12.58
N ALA D 235 -13.66 -11.49 13.48
CA ALA D 235 -14.55 -12.67 13.34
C ALA D 235 -15.97 -12.35 13.82
N SER D 236 -16.16 -11.21 14.53
CA SER D 236 -17.41 -10.84 15.25
C SER D 236 -18.34 -10.09 14.31
N GLU D 237 -19.62 -9.98 14.68
CA GLU D 237 -20.64 -9.27 13.86
C GLU D 237 -20.48 -7.75 14.01
N LYS D 238 -19.67 -7.29 14.98
CA LYS D 238 -19.28 -5.86 15.12
C LYS D 238 -18.55 -5.40 13.83
N ALA D 239 -17.86 -6.34 13.17
CA ALA D 239 -17.05 -6.13 11.93
C ALA D 239 -17.86 -6.45 10.67
N SER D 240 -19.18 -6.23 10.69
CA SER D 240 -20.14 -6.77 9.69
C SER D 240 -19.95 -6.09 8.33
N PHE D 241 -19.32 -4.90 8.28
CA PHE D 241 -18.97 -4.23 7.01
C PHE D 241 -17.44 -4.25 6.75
N ILE D 242 -16.71 -5.14 7.39
CA ILE D 242 -15.25 -5.27 7.15
C ILE D 242 -14.98 -6.62 6.48
N THR D 243 -14.54 -6.60 5.22
CA THR D 243 -14.08 -7.80 4.48
C THR D 243 -12.98 -7.34 3.53
N GLY D 244 -11.98 -8.18 3.31
CA GLY D 244 -10.86 -7.88 2.39
C GLY D 244 -9.73 -7.11 3.04
N ALA D 245 -9.86 -6.80 4.32
CA ALA D 245 -8.99 -5.87 5.07
C ALA D 245 -7.77 -6.61 5.61
N ILE D 246 -6.63 -5.94 5.58
CA ILE D 246 -5.39 -6.44 6.24
C ILE D 246 -5.08 -5.54 7.43
N LEU D 247 -5.30 -5.99 8.66
CA LEU D 247 -5.17 -5.15 9.89
C LEU D 247 -3.85 -5.40 10.57
N PRO D 248 -2.92 -4.43 10.58
CA PRO D 248 -1.65 -4.58 11.31
C PRO D 248 -1.92 -4.58 12.82
N VAL D 249 -1.26 -5.48 13.50
CA VAL D 249 -1.22 -5.51 14.99
C VAL D 249 0.26 -5.52 15.37
N ASP D 250 0.90 -4.35 15.25
CA ASP D 250 2.38 -4.24 15.22
C ASP D 250 2.89 -3.05 16.05
N GLY D 251 2.08 -2.49 16.93
CA GLY D 251 2.51 -1.36 17.78
C GLY D 251 3.20 -0.25 17.00
N GLY D 252 2.78 0.02 15.77
CA GLY D 252 3.32 1.14 14.96
C GLY D 252 4.53 0.77 14.10
N LEU D 253 4.94 -0.50 14.08
CA LEU D 253 6.15 -1.00 13.38
C LEU D 253 6.15 -0.56 11.92
N THR D 254 5.03 -0.74 11.20
CA THR D 254 4.95 -0.56 9.72
C THR D 254 4.56 0.88 9.39
N ALA D 255 4.36 1.75 10.38
CA ALA D 255 4.06 3.18 10.15
C ALA D 255 5.35 4.02 10.05
N SER D 256 6.55 3.47 10.29
CA SER D 256 7.85 4.22 10.34
C SER D 256 9.06 3.37 9.91
N PHE D 257 10.28 3.99 9.94
CA PHE D 257 11.65 3.38 9.78
C PHE D 257 12.64 3.92 10.82
S SO4 E . 3.03 -13.38 -22.79
O1 SO4 E . 2.32 -13.99 -23.91
O2 SO4 E . 2.86 -14.23 -21.65
O3 SO4 E . 2.47 -12.06 -22.49
O4 SO4 E . 4.44 -13.24 -23.09
C1 GOL F . 0.08 -7.30 -2.29
O1 GOL F . -0.70 -8.46 -1.98
C2 GOL F . 1.16 -7.04 -1.27
O2 GOL F . 0.61 -6.27 -0.20
C3 GOL F . 1.77 -8.32 -0.73
O3 GOL F . 3.17 -8.17 -0.49
S SO4 G . -21.29 12.68 9.09
O1 SO4 G . -21.20 13.11 10.48
O2 SO4 G . -22.66 12.76 8.64
O3 SO4 G . -20.82 11.31 8.95
O4 SO4 G . -20.52 13.55 8.25
C1 GOL H . -3.20 26.72 4.33
O1 GOL H . -2.52 25.91 3.37
C2 GOL H . -4.45 26.07 4.92
O2 GOL H . -5.40 25.80 3.91
C3 GOL H . -4.19 24.77 5.67
O3 GOL H . -4.47 24.86 7.06
C1 GOL I . 0.23 7.14 2.03
O1 GOL I . 0.75 8.13 2.92
C2 GOL I . -1.16 7.54 1.65
O2 GOL I . -1.19 8.97 1.51
C3 GOL I . -1.65 6.89 0.37
O3 GOL I . -2.61 7.74 -0.24
S SO4 J . 16.26 20.19 -3.68
O1 SO4 J . 16.83 18.86 -3.41
O2 SO4 J . 14.86 20.19 -3.36
O3 SO4 J . 16.42 20.50 -5.08
O4 SO4 J . 16.95 21.20 -2.89
S SO4 K . 1.95 -19.83 16.87
O1 SO4 K . 3.09 -20.57 17.38
O2 SO4 K . 0.71 -20.42 17.38
O3 SO4 K . 1.94 -19.95 15.43
O4 SO4 K . 2.04 -18.40 17.23
C1 GOL L . 2.84 -25.62 -2.46
O1 GOL L . 1.51 -26.05 -2.78
C2 GOL L . 3.83 -25.75 -3.60
O2 GOL L . 4.50 -26.99 -3.44
C3 GOL L . 3.27 -25.63 -5.02
O3 GOL L . 4.25 -25.12 -5.94
#